data_9RUS
#
_entry.id   9RUS
#
_cell.length_a   91.173
_cell.length_b   91.173
_cell.length_c   242.126
_cell.angle_alpha   90
_cell.angle_beta   90
_cell.angle_gamma   90
#
_symmetry.space_group_name_H-M   'P 41 21 2'
#
loop_
_entity.id
_entity.type
_entity.pdbx_description
1 polymer "Bifunctional 3'-5' exonuclease/ATP-dependent helicase WRN"
2 non-polymer 'PHOSPHOTHIOPHOSPHORIC ACID-ADENYLATE ESTER'
3 non-polymer 1-[(4-fluorophenyl)methyl]benzimidazole
4 non-polymer 'DIMETHYL SULFOXIDE'
5 non-polymer 1,2-ETHANEDIOL
6 non-polymer "ADENOSINE-5'-DIPHOSPHATE"
7 non-polymer 'ZINC ION'
8 non-polymer 'MAGNESIUM ION'
9 water water
#
_entity_poly.entity_id   1
_entity_poly.type   'polypeptide(L)'
_entity_poly.pdbx_seq_one_letter_code
;GMNEGEEDDDKDFLWPAPNEEQVTCLKMYFGHSSFKPVQWKVIHSVLEERRDNVAVMATGYGKSLCFQYPPVYVGKIGLV
ISPLISLMEDQVLQLKMSNIPACFLGSAQSENVLTDIKLGKYRIVYVTPEYCSGNMGLLQQLEADIGITLIAVDEAHCIS
EWGHDFRDSFRKLGSLKTALPMVPIVALTATASSSIREDIVRCLNLRNPQITCTGFDRPNLYLEVRRKTGNILQDLQPFL
VKTSSHWEFEGPTIIYCPSRKMTQQVTGELRKLNLSCGTYHAGMSFSTRKDIHHRFVRDEIQCVIATIAFGMGINKADIR
QVIHYGAPKDMESYYQEIGRAGRDGLQSSCHVLWAPADINLNRHLLTEIRNEKFRLYKLKMMAKMEKYLHSSRCRRQIIL
SHFEDKQVQKASLGIMGTEKCCDNCRS
;
_entity_poly.pdbx_strand_id   A,B
#
# COMPACT_ATOMS: atom_id res chain seq x y z
N PRO A 16 28.45 26.72 -4.64
CA PRO A 16 28.09 26.69 -6.07
C PRO A 16 26.68 26.15 -6.32
N ALA A 17 26.12 26.46 -7.49
CA ALA A 17 24.76 26.05 -7.84
C ALA A 17 24.68 25.53 -9.28
N PRO A 18 23.75 24.61 -9.56
CA PRO A 18 23.64 24.08 -10.92
C PRO A 18 23.19 25.10 -11.98
N ASN A 19 23.87 25.09 -13.13
CA ASN A 19 23.52 25.98 -14.25
C ASN A 19 22.24 25.47 -14.98
N GLU A 20 21.72 26.25 -15.95
CA GLU A 20 20.51 25.89 -16.68
C GLU A 20 20.63 24.54 -17.41
N GLU A 21 21.77 24.29 -18.07
CA GLU A 21 22.02 23.04 -18.79
C GLU A 21 22.00 21.85 -17.84
N GLN A 22 22.55 22.03 -16.64
CA GLN A 22 22.61 21.02 -15.61
C GLN A 22 21.20 20.61 -15.18
N VAL A 23 20.35 21.58 -14.84
CA VAL A 23 18.98 21.33 -14.41
C VAL A 23 18.11 20.77 -15.55
N THR A 24 18.34 21.21 -16.79
CA THR A 24 17.59 20.71 -17.95
C THR A 24 17.96 19.25 -18.24
N CYS A 25 19.22 18.86 -17.98
CA CYS A 25 19.71 17.48 -18.15
C CYS A 25 19.05 16.56 -17.10
N LEU A 26 19.07 16.97 -15.81
CA LEU A 26 18.47 16.23 -14.71
C LEU A 26 16.98 15.98 -14.97
N LYS A 27 16.24 17.00 -15.41
CA LYS A 27 14.82 16.85 -15.68
C LYS A 27 14.55 16.03 -16.93
N MET A 28 15.33 16.24 -17.98
CA MET A 28 15.11 15.52 -19.23
C MET A 28 15.41 14.03 -19.16
N TYR A 29 16.50 13.66 -18.49
CA TYR A 29 16.91 12.26 -18.43
C TYR A 29 16.52 11.54 -17.15
N PHE A 30 16.40 12.25 -16.03
CA PHE A 30 16.08 11.61 -14.76
C PHE A 30 14.68 11.95 -14.19
N GLY A 31 14.04 12.97 -14.75
CA GLY A 31 12.70 13.38 -14.34
C GLY A 31 12.64 14.13 -13.02
N HIS A 32 13.80 14.62 -12.54
CA HIS A 32 13.86 15.35 -11.27
C HIS A 32 13.95 16.85 -11.48
N SER A 33 13.26 17.59 -10.61
CA SER A 33 13.21 19.05 -10.65
C SER A 33 14.41 19.71 -9.96
N SER A 34 15.00 19.03 -8.97
CA SER A 34 16.13 19.57 -8.23
C SER A 34 17.06 18.48 -7.72
N PHE A 35 18.32 18.85 -7.41
CA PHE A 35 19.32 17.95 -6.85
C PHE A 35 19.22 18.01 -5.34
N LYS A 36 19.33 16.86 -4.69
CA LYS A 36 19.37 16.82 -3.24
C LYS A 36 20.73 17.42 -2.79
N PRO A 37 20.81 18.02 -1.59
CA PRO A 37 22.06 18.70 -1.18
C PRO A 37 23.38 17.91 -1.36
N VAL A 38 23.52 16.74 -0.72
CA VAL A 38 24.76 15.96 -0.83
C VAL A 38 24.93 15.33 -2.23
N GLN A 39 23.82 15.13 -2.97
CA GLN A 39 23.86 14.64 -4.35
C GLN A 39 24.64 15.68 -5.21
N TRP A 40 24.39 16.99 -4.99
CA TRP A 40 25.07 18.05 -5.73
C TRP A 40 26.50 18.28 -5.23
N LYS A 41 26.77 18.01 -3.94
CA LYS A 41 28.13 18.14 -3.41
C LYS A 41 29.07 17.16 -4.10
N VAL A 42 28.59 15.94 -4.38
CA VAL A 42 29.38 14.91 -5.04
C VAL A 42 29.48 15.15 -6.55
N ILE A 43 28.35 15.39 -7.22
CA ILE A 43 28.31 15.66 -8.66
C ILE A 43 29.20 16.85 -9.06
N HIS A 44 29.14 17.96 -8.31
CA HIS A 44 29.98 19.12 -8.60
C HIS A 44 31.46 18.76 -8.42
N SER A 45 31.79 18.04 -7.35
CA SER A 45 33.17 17.64 -7.06
C SER A 45 33.75 16.74 -8.15
N VAL A 46 32.94 15.87 -8.74
CA VAL A 46 33.41 14.96 -9.78
C VAL A 46 33.53 15.69 -11.11
N LEU A 47 32.50 16.46 -11.47
CA LEU A 47 32.38 17.20 -12.73
C LEU A 47 33.39 18.33 -12.90
N GLU A 48 33.64 19.11 -11.83
CA GLU A 48 34.55 20.26 -11.92
C GLU A 48 35.90 20.06 -11.25
N GLU A 49 35.93 19.47 -10.06
CA GLU A 49 37.16 19.28 -9.33
C GLU A 49 37.88 17.94 -9.62
N ARG A 50 37.19 16.99 -10.30
CA ARG A 50 37.72 15.65 -10.63
C ARG A 50 38.33 14.96 -9.42
N ARG A 51 37.62 15.07 -8.29
CA ARG A 51 38.10 14.58 -7.02
C ARG A 51 37.43 13.27 -6.58
N ASP A 52 38.20 12.39 -5.91
CA ASP A 52 37.72 11.13 -5.35
C ASP A 52 36.69 11.45 -4.25
N ASN A 53 35.63 10.64 -4.14
N ASN A 53 35.87 10.44 -3.90
CA ASN A 53 34.55 10.92 -3.19
CA ASN A 53 34.86 10.53 -2.85
C ASN A 53 34.12 9.70 -2.39
C ASN A 53 34.75 9.19 -2.09
N VAL A 54 33.65 9.94 -1.17
N VAL A 54 34.22 9.25 -0.87
CA VAL A 54 33.10 8.93 -0.27
CA VAL A 54 33.95 8.09 0.00
C VAL A 54 31.76 9.53 0.21
C VAL A 54 32.73 8.46 0.81
N ALA A 55 30.63 8.90 -0.16
N ALA A 55 31.67 7.66 0.72
CA ALA A 55 29.33 9.44 0.19
CA ALA A 55 30.43 8.00 1.39
C ALA A 55 28.44 8.45 0.93
C ALA A 55 29.74 6.88 2.12
N VAL A 56 28.11 8.76 2.19
N VAL A 56 29.52 7.05 3.42
CA VAL A 56 27.24 7.91 3.01
CA VAL A 56 28.75 6.10 4.20
C VAL A 56 25.87 8.56 3.02
C VAL A 56 27.30 6.48 3.95
N MET A 57 24.95 8.04 2.20
N MET A 57 26.62 5.71 3.09
CA MET A 57 23.61 8.59 2.11
CA MET A 57 25.26 6.04 2.71
C MET A 57 22.55 7.64 2.64
C MET A 57 24.25 4.98 3.11
N ALA A 58 21.44 8.20 3.11
N ALA A 58 23.06 5.42 3.54
CA ALA A 58 20.34 7.41 3.66
CA ALA A 58 21.99 4.54 3.96
C ALA A 58 19.71 6.48 2.63
C ALA A 58 20.97 4.36 2.85
N THR A 59 19.11 5.40 3.10
N THR A 59 20.36 3.16 2.78
CA THR A 59 18.40 4.41 2.29
CA THR A 59 19.35 2.83 1.77
C THR A 59 17.26 5.09 1.56
C THR A 59 18.13 3.74 1.92
N GLY A 60 17.34 5.16 0.25
N GLY A 60 17.74 4.35 0.80
CA GLY A 60 16.30 5.81 -0.54
CA GLY A 60 16.66 5.32 0.76
C GLY A 60 16.63 7.20 -1.01
C GLY A 60 17.11 6.62 0.12
N TYR A 61 17.73 7.80 -0.51
N TYR A 61 18.36 7.02 0.37
CA TYR A 61 18.16 9.15 -0.88
CA TYR A 61 18.96 8.24 -0.16
C TYR A 61 18.38 9.29 -2.39
C TYR A 61 19.58 7.96 -1.52
N GLY A 62 19.10 8.32 -2.97
N GLY A 62 19.02 8.57 -2.57
CA GLY A 62 19.39 8.31 -4.40
CA GLY A 62 19.47 8.42 -3.95
C GLY A 62 20.87 8.37 -4.73
C GLY A 62 20.96 8.53 -4.20
N LYS A 63 21.65 7.38 -4.23
CA LYS A 63 23.10 7.32 -4.48
C LYS A 63 23.42 7.08 -5.93
N SER A 64 22.54 6.36 -6.65
CA SER A 64 22.79 6.01 -8.04
C SER A 64 22.94 7.19 -8.97
N LEU A 65 22.26 8.31 -8.68
CA LEU A 65 22.34 9.52 -9.50
C LEU A 65 23.77 10.11 -9.47
N CYS A 66 24.49 9.95 -8.36
CA CYS A 66 25.86 10.43 -8.20
C CYS A 66 26.84 9.82 -9.21
N PHE A 67 26.54 8.63 -9.73
CA PHE A 67 27.40 8.00 -10.71
C PHE A 67 26.75 7.94 -12.11
N GLN A 68 25.42 8.03 -12.19
CA GLN A 68 24.72 7.98 -13.47
C GLN A 68 24.63 9.34 -14.15
N TYR A 69 24.44 10.41 -13.36
CA TYR A 69 24.27 11.76 -13.90
C TYR A 69 25.55 12.35 -14.56
N PRO A 70 26.72 12.44 -13.87
CA PRO A 70 27.89 13.11 -14.48
C PRO A 70 28.25 12.66 -15.89
N PRO A 71 28.35 11.34 -16.23
CA PRO A 71 28.67 10.98 -17.62
C PRO A 71 27.57 11.33 -18.64
N VAL A 72 26.32 11.49 -18.18
CA VAL A 72 25.22 11.84 -19.06
C VAL A 72 25.30 13.34 -19.42
N TYR A 73 25.68 14.18 -18.44
CA TYR A 73 25.82 15.62 -18.65
C TYR A 73 27.02 15.98 -19.55
N VAL A 74 28.19 15.37 -19.31
CA VAL A 74 29.38 15.66 -20.13
C VAL A 74 29.42 14.84 -21.46
N GLY A 75 28.55 13.87 -21.61
CA GLY A 75 28.51 13.03 -22.81
C GLY A 75 29.69 12.09 -22.94
N LYS A 76 30.27 11.69 -21.79
CA LYS A 76 31.43 10.79 -21.73
C LYS A 76 31.03 9.37 -21.21
N ILE A 77 31.95 8.63 -20.53
N ILE A 77 31.96 8.62 -20.56
CA ILE A 77 31.69 7.29 -20.04
CA ILE A 77 31.70 7.28 -20.04
C ILE A 77 31.89 7.17 -18.51
C ILE A 77 31.93 7.19 -18.54
N GLY A 78 30.97 6.46 -17.86
N GLY A 78 31.00 6.54 -17.83
CA GLY A 78 31.04 6.19 -16.44
CA GLY A 78 31.09 6.33 -16.40
C GLY A 78 31.19 4.70 -16.19
C GLY A 78 31.06 4.86 -16.07
N LEU A 79 32.16 4.33 -15.37
N LEU A 79 32.01 4.39 -15.26
CA LEU A 79 32.44 2.92 -15.06
CA LEU A 79 32.09 2.97 -14.92
C LEU A 79 31.82 2.58 -13.71
C LEU A 79 31.48 2.68 -13.56
N VAL A 80 30.79 1.72 -13.70
N VAL A 80 30.87 1.51 -13.41
CA VAL A 80 30.13 1.36 -12.43
CA VAL A 80 30.29 1.07 -12.14
C VAL A 80 30.40 -0.08 -11.97
C VAL A 80 30.83 -0.33 -11.87
N ILE A 81 31.03 -0.23 -10.80
N ILE A 81 31.52 -0.51 -10.74
CA ILE A 81 31.32 -1.53 -10.22
CA ILE A 81 32.14 -1.80 -10.42
C ILE A 81 30.32 -1.78 -9.09
C ILE A 81 31.41 -2.57 -9.33
N SER A 82 29.48 -2.81 -9.23
N SER A 82 30.98 -3.79 -9.68
CA SER A 82 28.46 -3.12 -8.25
CA SER A 82 30.28 -4.68 -8.76
C SER A 82 28.29 -4.63 -8.11
C SER A 82 30.33 -6.09 -9.30
N PRO A 83 28.16 -5.12 -6.87
N PRO A 83 30.59 -7.10 -8.45
CA PRO A 83 28.01 -6.58 -6.69
CA PRO A 83 30.56 -8.48 -8.94
C PRO A 83 26.60 -7.12 -6.97
C PRO A 83 29.16 -9.02 -9.20
N LEU A 84 25.57 -6.30 -6.75
N LEU A 84 28.10 -8.33 -8.72
CA LEU A 84 24.16 -6.70 -6.90
CA LEU A 84 26.71 -8.70 -8.90
C LEU A 84 23.72 -6.82 -8.37
C LEU A 84 26.25 -8.33 -10.31
N ILE A 85 24.11 -7.94 -9.00
N ILE A 85 26.45 -9.23 -11.28
CA ILE A 85 23.89 -8.30 -10.41
CA ILE A 85 26.12 -9.01 -12.68
C ILE A 85 22.45 -8.10 -10.89
C ILE A 85 24.63 -8.73 -12.90
N SER A 86 21.45 -8.61 -10.16
N SER A 86 23.74 -9.55 -12.34
CA SER A 86 20.04 -8.52 -10.55
CA SER A 86 22.30 -9.33 -12.51
C SER A 86 19.49 -7.10 -10.66
C SER A 86 21.82 -7.98 -11.98
N LEU A 87 19.79 -6.23 -9.69
N LEU A 87 22.44 -7.48 -10.90
CA LEU A 87 19.33 -4.84 -9.75
CA LEU A 87 22.07 -6.18 -10.36
C LEU A 87 20.17 -3.99 -10.71
C LEU A 87 22.41 -5.06 -11.34
N MET A 88 21.40 -4.45 -11.05
N MET A 88 23.54 -5.20 -12.05
CA MET A 88 22.23 -3.79 -12.06
CA MET A 88 24.01 -4.25 -13.05
C MET A 88 21.54 -4.01 -13.43
C MET A 88 23.13 -4.29 -14.29
N GLU A 89 20.98 -5.22 -13.66
N GLU A 89 22.71 -5.49 -14.73
CA GLU A 89 20.24 -5.57 -14.88
CA GLU A 89 21.84 -5.65 -15.89
C GLU A 89 18.96 -4.74 -14.99
C GLU A 89 20.42 -5.10 -15.66
N ASP A 90 18.31 -4.43 -13.85
N ASP A 90 19.93 -5.11 -14.42
CA ASP A 90 17.13 -3.58 -13.78
CA ASP A 90 18.63 -4.54 -14.11
C ASP A 90 17.55 -2.16 -14.17
C ASP A 90 18.70 -3.00 -14.21
N GLN A 91 18.65 -1.63 -13.57
N GLN A 91 19.84 -2.40 -13.80
CA GLN A 91 19.18 -0.29 -13.88
CA GLN A 91 20.08 -0.96 -13.89
C GLN A 91 19.66 -0.12 -15.32
C GLN A 91 20.20 -0.48 -15.34
N VAL A 92 20.30 -1.14 -15.93
N VAL A 92 20.75 -1.34 -16.21
CA VAL A 92 20.73 -1.04 -17.33
CA VAL A 92 20.93 -1.06 -17.62
C VAL A 92 19.50 -0.92 -18.24
C VAL A 92 19.60 -0.89 -18.37
N LEU A 93 18.47 -1.72 -17.96
N LEU A 93 18.60 -1.71 -18.04
CA LEU A 93 17.22 -1.68 -18.71
CA LEU A 93 17.28 -1.67 -18.68
C LEU A 93 16.49 -0.36 -18.46
C LEU A 93 16.55 -0.34 -18.46
N GLN A 94 16.56 0.16 -17.21
CA GLN A 94 15.95 1.42 -16.78
C GLN A 94 16.59 2.62 -17.50
N LEU A 95 17.93 2.63 -17.60
CA LEU A 95 18.68 3.68 -18.27
C LEU A 95 18.31 3.72 -19.75
N LYS A 96 18.29 2.57 -20.43
CA LYS A 96 17.92 2.52 -21.84
C LYS A 96 16.52 3.03 -22.08
N MET A 97 15.58 2.75 -21.16
CA MET A 97 14.19 3.23 -21.24
C MET A 97 14.08 4.76 -21.07
N SER A 98 15.03 5.36 -20.34
CA SER A 98 15.10 6.81 -20.16
C SER A 98 16.01 7.46 -21.23
N ASN A 99 16.19 6.81 -22.39
CA ASN A 99 17.02 7.25 -23.52
C ASN A 99 18.49 7.52 -23.13
N ILE A 100 19.01 6.76 -22.16
CA ILE A 100 20.40 6.82 -21.74
C ILE A 100 21.03 5.51 -22.18
N PRO A 101 21.92 5.54 -23.18
CA PRO A 101 22.54 4.28 -23.63
C PRO A 101 23.45 3.69 -22.53
N ALA A 102 23.16 2.46 -22.13
CA ALA A 102 23.93 1.79 -21.08
C ALA A 102 24.06 0.32 -21.37
N CYS A 103 25.11 -0.31 -20.82
CA CYS A 103 25.31 -1.75 -21.03
C CYS A 103 26.18 -2.38 -19.92
N PHE A 104 26.22 -3.72 -19.90
CA PHE A 104 27.07 -4.50 -19.02
C PHE A 104 28.26 -4.93 -19.88
N LEU A 105 29.48 -4.62 -19.44
CA LEU A 105 30.66 -5.06 -20.15
C LEU A 105 31.29 -6.21 -19.40
N GLY A 106 31.39 -7.34 -20.07
CA GLY A 106 31.96 -8.54 -19.48
C GLY A 106 32.73 -9.36 -20.50
N SER A 107 33.21 -10.54 -20.08
CA SER A 107 33.93 -11.42 -20.99
C SER A 107 32.97 -12.16 -21.95
N ALA A 108 31.71 -12.35 -21.56
CA ALA A 108 30.72 -12.98 -22.43
C ALA A 108 29.99 -11.94 -23.35
N GLN A 109 30.45 -10.67 -23.37
CA GLN A 109 29.84 -9.65 -24.21
C GLN A 109 30.39 -9.75 -25.64
N SER A 110 29.54 -9.46 -26.64
CA SER A 110 29.92 -9.52 -28.04
C SER A 110 30.98 -8.47 -28.45
N GLU A 111 31.70 -8.75 -29.54
CA GLU A 111 32.72 -7.88 -30.11
C GLU A 111 32.07 -6.56 -30.55
N ASN A 112 30.85 -6.62 -31.12
CA ASN A 112 30.08 -5.48 -31.64
C ASN A 112 29.77 -4.48 -30.54
N VAL A 113 29.30 -4.97 -29.37
CA VAL A 113 28.99 -4.08 -28.24
C VAL A 113 30.28 -3.47 -27.65
N LEU A 114 31.37 -4.25 -27.64
CA LEU A 114 32.66 -3.76 -27.15
C LEU A 114 33.25 -2.67 -28.06
N THR A 115 33.06 -2.78 -29.39
CA THR A 115 33.54 -1.75 -30.32
C THR A 115 32.70 -0.46 -30.17
N ASP A 116 31.40 -0.60 -29.87
CA ASP A 116 30.49 0.52 -29.62
C ASP A 116 30.89 1.29 -28.34
N ILE A 117 31.50 0.59 -27.36
CA ILE A 117 32.00 1.20 -26.13
C ILE A 117 33.26 2.01 -26.47
N LYS A 118 34.17 1.43 -27.26
CA LYS A 118 35.40 2.10 -27.71
C LYS A 118 35.09 3.35 -28.53
N LEU A 119 33.96 3.36 -29.25
CA LEU A 119 33.51 4.51 -30.05
C LEU A 119 32.86 5.63 -29.23
N GLY A 120 32.41 5.30 -28.01
CA GLY A 120 31.78 6.25 -27.11
C GLY A 120 30.27 6.32 -27.29
N LYS A 121 29.66 5.21 -27.73
CA LYS A 121 28.21 5.15 -27.93
C LYS A 121 27.41 4.75 -26.66
N TYR A 122 28.10 4.53 -25.52
CA TYR A 122 27.44 4.11 -24.27
C TYR A 122 27.81 5.05 -23.12
N ARG A 123 26.82 5.67 -22.45
CA ARG A 123 27.11 6.58 -21.33
C ARG A 123 27.56 5.86 -20.06
N ILE A 124 26.84 4.81 -19.66
CA ILE A 124 27.16 4.08 -18.43
C ILE A 124 27.51 2.63 -18.73
N VAL A 125 28.71 2.19 -18.33
CA VAL A 125 29.18 0.82 -18.56
C VAL A 125 29.41 0.11 -17.21
N TYR A 126 28.73 -1.00 -16.99
CA TYR A 126 28.81 -1.76 -15.76
C TYR A 126 29.78 -2.92 -15.89
N VAL A 127 30.68 -3.09 -14.92
CA VAL A 127 31.70 -4.14 -14.95
C VAL A 127 31.86 -4.80 -13.57
N THR A 128 32.44 -6.00 -13.54
CA THR A 128 32.75 -6.71 -12.29
C THR A 128 34.21 -6.38 -11.89
N PRO A 129 34.60 -6.54 -10.60
CA PRO A 129 36.01 -6.27 -10.25
C PRO A 129 37.01 -7.12 -11.03
N GLU A 130 36.66 -8.38 -11.32
CA GLU A 130 37.51 -9.31 -12.06
C GLU A 130 37.76 -8.86 -13.49
N TYR A 131 36.71 -8.44 -14.20
CA TYR A 131 36.86 -7.97 -15.57
C TYR A 131 37.74 -6.72 -15.60
N CYS A 132 37.45 -5.79 -14.71
CA CYS A 132 38.12 -4.50 -14.51
C CYS A 132 39.64 -4.71 -14.34
N SER A 133 40.05 -5.59 -13.42
N SER A 133 40.06 -5.62 -13.45
CA SER A 133 41.45 -5.88 -13.14
CA SER A 133 41.49 -5.87 -13.24
C SER A 133 42.17 -6.64 -14.26
C SER A 133 42.15 -6.57 -14.42
N GLY A 134 41.43 -7.39 -15.04
N GLY A 134 41.42 -7.47 -15.06
CA GLY A 134 41.99 -8.14 -16.15
CA GLY A 134 41.93 -8.20 -16.20
C GLY A 134 42.04 -7.37 -17.46
C GLY A 134 41.98 -7.42 -17.50
N ASN A 135 41.31 -6.25 -17.54
CA ASN A 135 41.28 -5.44 -18.76
C ASN A 135 41.66 -3.99 -18.51
N MET A 136 42.70 -3.74 -17.71
CA MET A 136 43.15 -2.38 -17.38
C MET A 136 43.65 -1.59 -18.61
N GLY A 137 44.06 -2.29 -19.66
N GLY A 137 44.06 -2.29 -19.66
CA GLY A 137 44.51 -1.66 -20.89
CA GLY A 137 44.52 -1.68 -20.90
C GLY A 137 43.36 -1.06 -21.67
C GLY A 137 43.37 -1.07 -21.68
N LEU A 138 42.18 -1.71 -21.61
CA LEU A 138 40.98 -1.21 -22.26
C LEU A 138 40.52 0.06 -21.54
N LEU A 139 40.60 0.08 -20.19
CA LEU A 139 40.21 1.24 -19.39
C LEU A 139 41.06 2.47 -19.73
N GLN A 140 42.38 2.29 -19.90
CA GLN A 140 43.27 3.40 -20.27
C GLN A 140 43.02 3.87 -21.70
N GLN A 141 42.63 2.95 -22.60
CA GLN A 141 42.30 3.28 -23.98
C GLN A 141 40.99 4.09 -24.02
N LEU A 142 40.00 3.70 -23.19
CA LEU A 142 38.73 4.41 -23.09
C LEU A 142 38.94 5.79 -22.49
N GLU A 143 39.84 5.92 -21.53
CA GLU A 143 40.15 7.19 -20.90
C GLU A 143 40.83 8.15 -21.90
N ALA A 144 41.84 7.67 -22.64
CA ALA A 144 42.54 8.52 -23.61
C ALA A 144 41.66 8.90 -24.81
N ASP A 145 40.96 7.92 -25.40
CA ASP A 145 40.14 8.18 -26.58
C ASP A 145 38.80 8.89 -26.31
N ILE A 146 38.04 8.45 -25.30
CA ILE A 146 36.72 9.04 -25.01
C ILE A 146 36.75 9.92 -23.75
N GLY A 147 37.26 9.37 -22.66
CA GLY A 147 37.33 10.06 -21.38
C GLY A 147 36.41 9.41 -20.37
N ILE A 148 36.95 9.07 -19.19
CA ILE A 148 36.15 8.46 -18.14
C ILE A 148 35.84 9.48 -17.07
N THR A 149 34.55 9.85 -16.99
CA THR A 149 34.06 10.84 -16.04
C THR A 149 34.35 10.41 -14.61
N LEU A 150 34.04 9.14 -14.27
CA LEU A 150 34.23 8.62 -12.91
C LEU A 150 34.21 7.08 -12.88
N ILE A 151 34.71 6.51 -11.77
CA ILE A 151 34.69 5.08 -11.50
C ILE A 151 33.97 4.86 -10.16
N ALA A 152 32.75 4.31 -10.20
N ALA A 152 32.80 4.21 -10.17
CA ALA A 152 31.94 4.10 -9.01
CA ALA A 152 32.05 3.94 -8.94
C ALA A 152 32.10 2.76 -8.33
C ALA A 152 32.32 2.52 -8.42
N VAL A 153 32.13 2.78 -7.01
N VAL A 153 32.29 2.34 -7.09
CA VAL A 153 32.17 1.56 -6.21
CA VAL A 153 32.51 1.03 -6.49
C VAL A 153 30.89 1.55 -5.39
C VAL A 153 31.67 0.87 -5.20
N ASP A 154 29.83 0.91 -5.91
N ASP A 154 30.39 0.51 -5.38
CA ASP A 154 28.56 0.82 -5.20
CA ASP A 154 29.39 0.34 -4.31
C ASP A 154 28.70 -0.16 -4.00
C ASP A 154 29.64 -0.92 -3.46
N GLU A 155 27.93 0.07 -2.91
N GLU A 155 28.94 -1.04 -2.32
CA GLU A 155 28.00 -0.72 -1.66
CA GLU A 155 28.97 -2.17 -1.38
C GLU A 155 29.45 -0.81 -1.16
C GLU A 155 30.35 -2.44 -0.78
N ALA A 156 30.13 0.36 -1.18
N ALA A 156 31.20 -1.41 -0.71
CA ALA A 156 31.54 0.57 -0.87
CA ALA A 156 32.50 -1.55 -0.09
C ALA A 156 32.04 -0.01 0.44
C ALA A 156 32.29 -1.39 1.43
N HIS A 157 31.14 -0.22 1.43
CA HIS A 157 31.48 -0.79 2.73
C HIS A 157 31.90 -2.28 2.69
N CYS A 158 32.14 -2.83 1.50
CA CYS A 158 32.49 -4.23 1.36
C CYS A 158 34.01 -4.45 1.29
N ILE A 159 34.76 -3.53 0.68
CA ILE A 159 36.23 -3.56 0.60
C ILE A 159 36.86 -3.57 2.04
N SER A 160 36.11 -3.14 3.06
CA SER A 160 36.55 -3.10 4.45
C SER A 160 36.19 -4.42 5.13
N GLY A 163 33.55 -3.32 9.51
CA GLY A 163 32.45 -3.33 8.56
C GLY A 163 31.55 -4.55 8.69
N HIS A 164 30.23 -4.35 8.53
CA HIS A 164 29.25 -5.44 8.68
C HIS A 164 29.19 -6.40 7.48
N ASP A 165 30.05 -6.23 6.46
CA ASP A 165 30.08 -7.09 5.30
C ASP A 165 31.43 -6.94 4.61
N PHE A 166 32.11 -8.05 4.29
CA PHE A 166 33.41 -7.97 3.63
C PHE A 166 33.47 -8.85 2.39
N ARG A 167 34.15 -8.37 1.36
CA ARG A 167 34.37 -9.08 0.11
C ARG A 167 35.81 -8.85 -0.30
N ASP A 168 36.57 -9.94 -0.54
CA ASP A 168 37.98 -9.81 -0.93
C ASP A 168 38.18 -9.51 -2.43
N SER A 169 37.13 -9.65 -3.25
CA SER A 169 37.22 -9.34 -4.68
C SER A 169 37.54 -7.86 -4.92
N PHE A 170 37.14 -7.00 -3.99
CA PHE A 170 37.34 -5.57 -3.95
C PHE A 170 38.81 -5.16 -3.84
N ARG A 171 39.63 -5.93 -3.10
CA ARG A 171 41.04 -5.63 -2.87
C ARG A 171 41.87 -5.40 -4.14
N LYS A 172 41.56 -6.10 -5.24
CA LYS A 172 42.32 -5.91 -6.50
C LYS A 172 41.95 -4.61 -7.26
N LEU A 173 41.11 -3.75 -6.66
CA LEU A 173 40.70 -2.49 -7.26
C LEU A 173 41.59 -1.30 -6.88
N GLY A 174 42.53 -1.49 -5.95
CA GLY A 174 43.47 -0.44 -5.54
C GLY A 174 44.44 -0.05 -6.64
N SER A 175 44.58 -0.89 -7.67
CA SER A 175 45.45 -0.62 -8.81
C SER A 175 44.82 0.36 -9.83
N LEU A 176 43.53 0.71 -9.68
CA LEU A 176 42.84 1.63 -10.58
C LEU A 176 43.40 3.04 -10.50
N LYS A 177 43.64 3.56 -9.29
CA LYS A 177 44.16 4.90 -9.12
C LYS A 177 45.51 5.09 -9.78
N THR A 178 46.36 4.08 -9.69
CA THR A 178 47.70 4.12 -10.28
C THR A 178 47.61 4.20 -11.81
N ALA A 179 46.74 3.37 -12.41
CA ALA A 179 46.55 3.33 -13.86
C ALA A 179 45.84 4.57 -14.38
N LEU A 180 44.85 5.06 -13.62
CA LEU A 180 44.06 6.23 -14.00
C LEU A 180 44.07 7.28 -12.86
N PRO A 181 45.16 8.05 -12.71
CA PRO A 181 45.23 9.03 -11.62
C PRO A 181 44.38 10.28 -11.82
N MET A 182 44.05 10.61 -13.07
CA MET A 182 43.18 11.77 -13.36
C MET A 182 41.66 11.41 -13.40
N VAL A 183 41.29 10.18 -12.99
N VAL A 183 41.30 10.20 -12.97
CA VAL A 183 39.91 9.73 -12.98
CA VAL A 183 39.91 9.75 -12.96
C VAL A 183 39.43 9.56 -11.55
C VAL A 183 39.42 9.58 -11.53
N PRO A 184 38.39 10.32 -11.16
N PRO A 184 38.38 10.32 -11.13
CA PRO A 184 37.90 10.22 -9.78
CA PRO A 184 37.88 10.21 -9.76
C PRO A 184 37.14 8.94 -9.46
C PRO A 184 37.20 8.88 -9.45
N ILE A 185 37.37 8.40 -8.26
N ILE A 185 37.52 8.29 -8.29
CA ILE A 185 36.67 7.21 -7.81
CA ILE A 185 36.92 7.03 -7.89
C ILE A 185 35.62 7.66 -6.80
C ILE A 185 35.98 7.23 -6.71
N VAL A 186 34.33 7.40 -7.08
N VAL A 186 34.67 7.15 -6.96
CA VAL A 186 33.27 7.84 -6.16
CA VAL A 186 33.68 7.29 -5.90
C VAL A 186 32.58 6.64 -5.51
C VAL A 186 33.42 5.93 -5.27
N ALA A 187 33.03 6.33 -4.29
N ALA A 187 33.71 5.82 -3.98
CA ALA A 187 32.54 5.22 -3.50
CA ALA A 187 33.54 4.56 -3.25
C ALA A 187 31.30 5.65 -2.69
C ALA A 187 32.38 4.65 -2.29
N LEU A 188 30.16 5.00 -2.95
N LEU A 188 31.32 3.89 -2.55
CA LEU A 188 28.91 5.33 -2.28
CA LEU A 188 30.13 3.90 -1.71
C LEU A 188 28.41 4.17 -1.45
C LEU A 188 30.21 2.77 -0.67
N THR A 189 27.81 4.47 -0.29
N THR A 189 29.64 2.99 0.52
CA THR A 189 27.31 3.46 0.65
CA THR A 189 29.63 1.95 1.55
C THR A 189 26.15 4.02 1.52
C THR A 189 28.35 1.97 2.37
N ALA A 190 25.43 3.12 2.20
N ALA A 190 28.01 0.82 2.97
CA ALA A 190 24.34 3.50 3.10
CA ALA A 190 26.82 0.71 3.81
C ALA A 190 24.73 3.34 4.57
C ALA A 190 27.17 0.58 5.30
N THR A 191 25.68 2.44 4.87
N THR A 191 28.42 0.89 5.70
CA THR A 191 26.12 2.19 6.24
CA THR A 191 28.87 0.76 7.07
C THR A 191 27.64 2.24 6.35
C THR A 191 29.62 2.02 7.49
N ALA A 192 28.19 3.35 6.87
N ALA A 192 29.34 2.54 8.69
CA ALA A 192 29.63 3.52 7.07
CA ALA A 192 29.97 3.75 9.21
C ALA A 192 29.90 4.60 8.11
C ALA A 192 31.20 3.49 10.08
N SER A 193 30.53 4.23 9.23
N SER A 193 31.57 2.21 10.29
CA SER A 193 30.88 5.17 10.30
CA SER A 193 32.73 1.78 11.08
C SER A 193 32.16 5.98 9.97
C SER A 193 33.98 2.45 10.61
N SER A 194 32.61 6.86 10.88
N SER A 194 34.65 3.24 11.46
CA SER A 194 33.82 7.66 10.68
CA SER A 194 35.90 3.92 11.11
C SER A 194 35.11 6.84 10.56
C SER A 194 37.02 2.93 10.74
N SER A 195 35.08 5.56 10.96
N SER A 195 36.96 1.69 11.30
CA SER A 195 36.24 4.69 10.87
CA SER A 195 37.89 0.62 11.01
C SER A 195 36.21 3.79 9.62
C SER A 195 37.85 0.16 9.54
N ILE A 196 34.99 3.44 9.15
N ILE A 196 36.78 0.52 8.79
CA ILE A 196 34.78 2.58 7.98
CA ILE A 196 36.63 0.17 7.38
C ILE A 196 35.25 3.24 6.69
C ILE A 196 36.28 1.40 6.51
N ARG A 197 34.96 4.54 6.53
N ARG A 197 35.78 2.50 7.10
CA ARG A 197 35.37 5.29 5.34
CA ARG A 197 35.40 3.74 6.39
C ARG A 197 36.90 5.42 5.19
C ARG A 197 36.65 4.44 5.83
N GLU A 198 37.66 5.23 6.27
N GLU A 198 37.63 4.76 6.70
CA GLU A 198 39.12 5.34 6.23
CA GLU A 198 38.90 5.31 6.23
C GLU A 198 39.82 4.15 5.54
C GLU A 198 39.73 4.18 5.54
N ASP A 199 39.47 2.91 5.92
CA ASP A 199 40.06 1.69 5.34
C ASP A 199 39.61 1.50 3.84
N ILE A 200 38.54 2.16 3.42
CA ILE A 200 38.11 2.14 2.03
C ILE A 200 39.09 3.01 1.22
N VAL A 201 39.49 4.19 1.77
CA VAL A 201 40.45 5.10 1.18
C VAL A 201 41.82 4.41 1.02
N ARG A 202 42.22 3.62 2.02
CA ARG A 202 43.48 2.91 1.96
C ARG A 202 43.49 1.74 0.97
N CYS A 203 42.41 0.94 0.92
CA CYS A 203 42.35 -0.19 0.01
C CYS A 203 42.13 0.23 -1.46
N LEU A 204 41.59 1.43 -1.70
CA LEU A 204 41.39 1.95 -3.04
C LEU A 204 42.46 2.98 -3.48
N ASN A 205 43.39 3.34 -2.55
CA ASN A 205 44.46 4.32 -2.77
C ASN A 205 43.90 5.69 -3.20
N LEU A 206 42.83 6.15 -2.53
CA LEU A 206 42.18 7.42 -2.85
C LEU A 206 43.03 8.62 -2.46
N ARG A 207 42.99 9.67 -3.29
CA ARG A 207 43.79 10.88 -3.07
C ARG A 207 42.93 12.03 -2.58
N ASN A 208 43.06 12.37 -1.26
CA ASN A 208 42.30 13.41 -0.53
C ASN A 208 40.83 13.44 -0.94
N PRO A 209 40.05 12.39 -0.63
CA PRO A 209 38.66 12.36 -1.10
C PRO A 209 37.67 13.16 -0.27
N GLN A 210 36.63 13.70 -0.93
CA GLN A 210 35.59 14.45 -0.23
C GLN A 210 34.73 13.45 0.53
N ILE A 211 34.67 13.59 1.86
CA ILE A 211 33.90 12.66 2.68
C ILE A 211 32.59 13.28 3.15
N THR A 212 31.49 12.87 2.50
N THR A 212 31.54 12.42 3.09
CA THR A 212 30.19 13.48 2.74
CA THR A 212 30.22 12.72 3.62
C THR A 212 29.18 12.56 3.41
C THR A 212 29.63 11.47 4.34
N CYS A 213 28.37 13.14 4.30
N CYS A 213 28.97 11.67 5.49
CA CYS A 213 27.34 12.41 5.03
CA CYS A 213 28.29 10.63 6.25
C CYS A 213 26.03 13.17 5.03
C CYS A 213 26.82 11.00 6.18
N THR A 214 24.93 12.42 5.08
N THR A 214 26.06 10.37 5.28
CA THR A 214 23.55 12.93 5.05
CA THR A 214 24.66 10.73 5.07
C THR A 214 22.84 12.56 6.39
C THR A 214 23.63 9.70 5.57
N GLY A 215 21.62 13.07 6.59
N GLY A 215 23.35 9.75 6.86
CA GLY A 215 20.79 12.65 7.71
CA GLY A 215 22.35 8.90 7.48
C GLY A 215 20.37 11.20 7.51
C GLY A 215 21.10 9.71 7.82
N PHE A 216 20.13 10.46 8.60
N PHE A 216 20.01 9.45 7.10
CA PHE A 216 19.80 9.04 8.47
CA PHE A 216 18.77 10.20 7.32
C PHE A 216 18.36 8.67 8.83
C PHE A 216 17.71 9.35 8.01
N ASP A 217 17.47 9.65 9.05
N ASP A 217 16.86 9.98 8.84
CA ASP A 217 16.08 9.30 9.40
CA ASP A 217 15.85 9.33 9.66
C ASP A 217 15.19 9.07 8.18
C ASP A 217 14.87 8.40 8.92
N ARG A 218 14.17 8.21 8.39
N ARG A 218 14.09 8.89 7.94
CA ARG A 218 13.09 7.86 7.49
CA ARG A 218 13.01 8.15 7.28
C ARG A 218 11.86 8.07 8.34
C ARG A 218 11.84 8.23 8.27
N PRO A 219 11.38 9.34 8.45
N PRO A 219 11.19 9.41 8.39
CA PRO A 219 10.26 9.65 9.36
CA PRO A 219 10.16 9.61 9.41
C PRO A 219 8.92 9.00 9.06
C PRO A 219 8.84 8.86 9.26
N ASN A 220 8.71 8.50 7.84
N ASN A 220 8.46 8.51 8.03
CA ASN A 220 7.48 7.83 7.45
CA ASN A 220 7.22 7.82 7.69
C ASN A 220 7.49 6.32 7.76
C ASN A 220 7.13 6.35 8.17
N LEU A 221 8.41 5.85 8.61
N LEU A 221 8.15 5.85 8.87
CA LEU A 221 8.47 4.45 9.00
CA LEU A 221 8.13 4.48 9.37
C LEU A 221 8.19 4.32 10.47
C LEU A 221 7.72 4.41 10.83
N TYR A 222 6.96 3.93 10.84
N TYR A 222 6.60 3.76 11.12
CA TYR A 222 6.56 3.62 12.20
CA TYR A 222 6.17 3.51 12.47
C TYR A 222 7.41 2.41 12.68
C TYR A 222 6.94 2.26 12.94
N LEU A 223 7.83 2.40 13.95
CA LEU A 223 8.65 1.29 14.47
C LEU A 223 8.00 0.56 15.66
N GLU A 224 7.98 -0.78 15.64
CA GLU A 224 7.41 -1.55 16.74
C GLU A 224 8.21 -2.84 16.99
N VAL A 225 8.35 -3.25 18.26
CA VAL A 225 9.05 -4.48 18.65
C VAL A 225 8.10 -5.32 19.48
N ARG A 226 7.98 -6.60 19.17
CA ARG A 226 7.04 -7.49 19.86
C ARG A 226 7.72 -8.84 20.13
N ARG A 227 7.25 -9.55 21.14
CA ARG A 227 7.81 -10.85 21.49
C ARG A 227 7.10 -11.96 20.72
N LYS A 228 7.87 -12.95 20.29
CA LYS A 228 7.34 -14.12 19.59
C LYS A 228 6.59 -15.01 20.58
N THR A 229 5.44 -15.53 20.16
CA THR A 229 4.63 -16.42 20.97
C THR A 229 4.98 -17.91 20.78
N GLY A 230 5.84 -18.25 19.82
CA GLY A 230 6.19 -19.64 19.53
C GLY A 230 5.39 -20.28 18.40
N ASN A 231 4.29 -19.65 17.99
CA ASN A 231 3.46 -20.16 16.90
C ASN A 231 3.45 -19.13 15.74
N ILE A 232 3.93 -19.54 14.55
CA ILE A 232 4.02 -18.67 13.37
C ILE A 232 2.71 -17.99 13.01
N LEU A 233 1.62 -18.75 12.93
CA LEU A 233 0.32 -18.17 12.56
C LEU A 233 -0.24 -17.26 13.65
N GLN A 234 0.08 -17.52 14.93
CA GLN A 234 -0.32 -16.69 16.06
C GLN A 234 0.43 -15.35 16.00
N ASP A 235 1.73 -15.40 15.65
CA ASP A 235 2.60 -14.25 15.48
C ASP A 235 2.24 -13.36 14.30
N LEU A 236 1.81 -13.94 13.16
CA LEU A 236 1.54 -13.14 11.97
C LEU A 236 0.08 -12.78 11.74
N GLN A 237 -0.86 -13.50 12.38
CA GLN A 237 -2.29 -13.20 12.25
C GLN A 237 -2.67 -11.74 12.55
N PRO A 238 -2.05 -11.02 13.52
CA PRO A 238 -2.45 -9.62 13.74
C PRO A 238 -2.17 -8.68 12.56
N PHE A 239 -1.26 -9.06 11.65
CA PHE A 239 -0.93 -8.25 10.47
C PHE A 239 -1.90 -8.44 9.29
N LEU A 240 -2.77 -9.46 9.37
CA LEU A 240 -3.69 -9.86 8.34
C LEU A 240 -5.08 -9.28 8.48
N VAL A 241 -5.69 -8.97 7.34
CA VAL A 241 -7.03 -8.44 7.25
C VAL A 241 -7.88 -9.41 6.42
N LYS A 242 -9.17 -9.48 6.73
CA LYS A 242 -10.08 -10.35 5.99
C LYS A 242 -10.82 -9.42 5.03
N THR A 243 -10.66 -9.63 3.70
CA THR A 243 -11.26 -8.67 2.77
C THR A 243 -12.70 -9.03 2.31
N SER A 244 -12.92 -10.20 1.70
CA SER A 244 -14.30 -10.58 1.34
C SER A 244 -14.63 -11.67 2.38
N SER A 245 -13.86 -12.76 2.32
CA SER A 245 -13.77 -13.94 3.17
C SER A 245 -12.32 -14.50 3.09
N HIS A 246 -11.38 -13.74 2.49
CA HIS A 246 -10.00 -14.14 2.26
C HIS A 246 -9.06 -13.32 3.13
N TRP A 247 -8.06 -14.00 3.71
CA TRP A 247 -7.06 -13.36 4.55
C TRP A 247 -5.89 -12.85 3.71
N GLU A 248 -5.48 -11.62 3.96
CA GLU A 248 -4.36 -11.04 3.24
C GLU A 248 -3.67 -9.92 4.02
N PHE A 249 -2.52 -9.44 3.55
CA PHE A 249 -1.82 -8.34 4.20
C PHE A 249 -2.50 -7.03 3.82
N GLU A 250 -2.19 -5.95 4.51
CA GLU A 250 -2.74 -4.64 4.19
C GLU A 250 -2.18 -4.10 2.86
N GLY A 251 -0.93 -4.45 2.56
CA GLY A 251 -0.27 -4.03 1.33
C GLY A 251 1.00 -4.82 1.08
N PRO A 252 1.84 -4.34 0.15
CA PRO A 252 3.11 -5.05 -0.13
C PRO A 252 3.97 -5.21 1.10
N THR A 253 4.37 -6.44 1.38
CA THR A 253 5.08 -6.77 2.62
C THR A 253 6.34 -7.60 2.39
N ILE A 254 7.41 -7.32 3.15
CA ILE A 254 8.60 -8.15 3.14
C ILE A 254 8.74 -8.76 4.53
N ILE A 255 8.92 -10.08 4.63
CA ILE A 255 9.15 -10.74 5.91
C ILE A 255 10.58 -11.26 5.88
N TYR A 256 11.46 -10.72 6.73
CA TYR A 256 12.87 -11.14 6.78
C TYR A 256 13.07 -12.25 7.79
N CYS A 257 13.64 -13.37 7.35
CA CYS A 257 13.86 -14.52 8.22
C CYS A 257 15.38 -14.78 8.38
N PRO A 258 15.83 -15.28 9.55
CA PRO A 258 17.29 -15.45 9.74
C PRO A 258 17.89 -16.60 8.95
N SER A 259 17.08 -17.61 8.61
CA SER A 259 17.58 -18.77 7.86
C SER A 259 16.70 -19.12 6.67
N ARG A 260 17.27 -19.86 5.70
CA ARG A 260 16.52 -20.38 4.56
C ARG A 260 15.42 -21.34 5.05
N LYS A 261 15.67 -22.09 6.13
CA LYS A 261 14.69 -23.02 6.68
C LYS A 261 13.51 -22.25 7.27
N MET A 262 13.78 -21.18 8.03
CA MET A 262 12.71 -20.35 8.60
C MET A 262 11.84 -19.69 7.49
N THR A 263 12.47 -19.29 6.39
CA THR A 263 11.77 -18.77 5.21
C THR A 263 10.74 -19.79 4.69
N GLN A 264 11.16 -21.06 4.60
CA GLN A 264 10.32 -22.18 4.16
C GLN A 264 9.15 -22.45 5.11
N GLN A 265 9.41 -22.45 6.45
CA GLN A 265 8.36 -22.66 7.45
C GLN A 265 7.33 -21.54 7.45
N VAL A 266 7.76 -20.27 7.43
CA VAL A 266 6.82 -19.13 7.39
C VAL A 266 5.97 -19.19 6.11
N THR A 267 6.60 -19.43 4.93
CA THR A 267 5.88 -19.54 3.67
C THR A 267 4.86 -20.68 3.74
N GLY A 268 5.28 -21.81 4.30
CA GLY A 268 4.40 -22.95 4.49
C GLY A 268 3.15 -22.63 5.30
N GLU A 269 3.32 -21.93 6.43
CA GLU A 269 2.18 -21.55 7.27
C GLU A 269 1.29 -20.53 6.62
N LEU A 270 1.89 -19.54 5.93
CA LEU A 270 1.09 -18.53 5.23
C LEU A 270 0.32 -19.12 4.02
N ARG A 271 0.84 -20.20 3.42
N ARG A 271 0.85 -20.21 3.44
CA ARG A 271 0.16 -20.81 2.28
CA ARG A 271 0.24 -20.94 2.33
C ARG A 271 -1.10 -21.60 2.74
C ARG A 271 -1.09 -21.58 2.76
N LYS A 272 -1.16 -22.05 4.01
CA LYS A 272 -2.39 -22.67 4.58
C LYS A 272 -3.56 -21.66 4.58
N LEU A 273 -3.27 -20.34 4.52
CA LEU A 273 -4.24 -19.25 4.48
C LEU A 273 -4.51 -18.72 3.06
N ASN A 274 -3.92 -19.37 2.03
CA ASN A 274 -4.02 -19.04 0.62
C ASN A 274 -3.57 -17.60 0.36
N LEU A 275 -2.45 -17.24 1.00
CA LEU A 275 -1.84 -15.91 0.87
C LEU A 275 -0.97 -15.84 -0.36
N SER A 276 -1.01 -14.70 -1.06
CA SER A 276 -0.22 -14.47 -2.25
C SER A 276 1.21 -14.16 -1.87
N CYS A 277 2.12 -15.14 -1.95
CA CYS A 277 3.49 -14.90 -1.58
C CYS A 277 4.54 -15.73 -2.33
N GLY A 278 5.78 -15.28 -2.24
CA GLY A 278 6.93 -15.93 -2.84
C GLY A 278 8.08 -15.94 -1.88
N THR A 279 8.92 -16.97 -1.96
CA THR A 279 10.07 -17.06 -1.07
C THR A 279 11.33 -16.62 -1.86
N TYR A 280 12.34 -16.10 -1.14
CA TYR A 280 13.52 -15.57 -1.76
C TYR A 280 14.77 -15.86 -0.91
N HIS A 281 15.65 -16.73 -1.38
CA HIS A 281 16.89 -17.09 -0.66
C HIS A 281 18.00 -17.56 -1.62
N ALA A 282 19.24 -17.58 -1.18
CA ALA A 282 20.37 -18.01 -2.02
C ALA A 282 20.37 -19.54 -2.37
N GLY A 283 19.44 -20.29 -1.79
CA GLY A 283 19.25 -21.71 -2.13
C GLY A 283 18.56 -21.87 -3.47
N MET A 284 17.81 -20.84 -3.91
CA MET A 284 17.15 -20.77 -5.20
C MET A 284 18.14 -20.24 -6.25
N SER A 285 17.91 -20.60 -7.53
CA SER A 285 18.76 -20.11 -8.59
C SER A 285 18.51 -18.61 -8.80
N PHE A 286 19.47 -17.91 -9.45
N PHE A 286 19.47 -17.90 -9.45
CA PHE A 286 19.32 -16.50 -9.80
CA PHE A 286 19.32 -16.48 -9.77
C PHE A 286 18.05 -16.28 -10.66
C PHE A 286 18.07 -16.26 -10.67
N SER A 287 17.74 -17.23 -11.54
CA SER A 287 16.57 -17.19 -12.40
C SER A 287 15.24 -17.26 -11.61
N THR A 288 15.13 -18.17 -10.64
CA THR A 288 13.95 -18.27 -9.79
C THR A 288 13.82 -17.01 -8.90
N ARG A 289 14.94 -16.46 -8.44
CA ARG A 289 14.98 -15.24 -7.63
C ARG A 289 14.51 -14.03 -8.41
N LYS A 290 14.98 -13.87 -9.65
CA LYS A 290 14.60 -12.76 -10.51
C LYS A 290 13.10 -12.75 -10.74
N ASP A 291 12.52 -13.94 -10.94
CA ASP A 291 11.10 -14.14 -11.18
C ASP A 291 10.28 -13.63 -9.99
N ILE A 292 10.63 -14.07 -8.77
CA ILE A 292 9.95 -13.63 -7.55
C ILE A 292 10.05 -12.12 -7.36
N HIS A 293 11.25 -11.56 -7.57
CA HIS A 293 11.44 -10.12 -7.43
C HIS A 293 10.58 -9.33 -8.43
N HIS A 294 10.52 -9.81 -9.68
CA HIS A 294 9.76 -9.12 -10.71
C HIS A 294 8.26 -9.28 -10.50
N ARG A 295 7.79 -10.45 -10.00
CA ARG A 295 6.39 -10.64 -9.66
C ARG A 295 5.99 -9.72 -8.48
N PHE A 296 6.92 -9.44 -7.54
CA PHE A 296 6.68 -8.52 -6.42
C PHE A 296 6.56 -7.09 -6.94
N VAL A 297 7.45 -6.67 -7.83
CA VAL A 297 7.44 -5.34 -8.40
C VAL A 297 6.17 -5.13 -9.26
N ARG A 298 5.77 -6.13 -10.02
CA ARG A 298 4.55 -6.03 -10.84
C ARG A 298 3.25 -6.25 -10.05
N ASP A 299 3.35 -6.37 -8.72
CA ASP A 299 2.27 -6.58 -7.76
C ASP A 299 1.48 -7.84 -7.96
N GLU A 300 2.11 -8.86 -8.59
CA GLU A 300 1.52 -10.20 -8.76
C GLU A 300 1.61 -11.00 -7.47
N ILE A 301 2.56 -10.68 -6.59
CA ILE A 301 2.62 -11.26 -5.28
C ILE A 301 2.57 -10.14 -4.25
N GLN A 302 1.84 -10.37 -3.15
CA GLN A 302 1.69 -9.39 -2.10
C GLN A 302 2.81 -9.44 -1.05
N CYS A 303 3.45 -10.59 -0.85
CA CYS A 303 4.42 -10.77 0.21
C CYS A 303 5.63 -11.54 -0.23
N VAL A 304 6.83 -11.09 0.15
CA VAL A 304 8.05 -11.84 -0.14
C VAL A 304 8.67 -12.26 1.20
N ILE A 305 8.88 -13.55 1.42
CA ILE A 305 9.53 -14.06 2.63
C ILE A 305 10.95 -14.30 2.23
N ALA A 306 11.89 -13.51 2.76
CA ALA A 306 13.26 -13.51 2.31
C ALA A 306 14.34 -13.62 3.40
N THR A 307 15.58 -14.00 3.01
N THR A 307 15.59 -13.94 3.04
CA THR A 307 16.75 -14.05 3.90
CA THR A 307 16.70 -13.93 3.99
C THR A 307 17.77 -13.02 3.42
C THR A 307 17.39 -12.50 3.84
N ILE A 308 18.43 -12.34 4.35
N ILE A 308 18.66 -12.33 4.23
CA ILE A 308 19.46 -11.38 3.99
CA ILE A 308 19.41 -11.07 4.04
C ILE A 308 20.80 -12.10 3.71
C ILE A 308 19.43 -10.72 2.52
N ALA A 309 21.13 -12.31 2.43
N ALA A 309 19.61 -11.76 1.69
CA ALA A 309 22.37 -12.96 2.05
CA ALA A 309 19.69 -11.76 0.25
C ALA A 309 23.00 -12.23 0.86
C ALA A 309 18.72 -10.82 -0.48
N PHE A 310 24.34 -12.12 0.87
N PHE A 310 17.51 -10.58 0.06
CA PHE A 310 25.18 -11.45 -0.12
CA PHE A 310 16.53 -9.69 -0.60
C PHE A 310 24.73 -11.54 -1.58
C PHE A 310 16.68 -8.27 -0.08
N GLY A 311 24.74 -10.40 -2.28
N GLY A 311 17.24 -7.39 -0.89
CA GLY A 311 24.37 -10.27 -3.69
CA GLY A 311 17.45 -6.01 -0.48
C GLY A 311 22.88 -10.16 -3.99
C GLY A 311 18.06 -5.15 -1.55
N MET A 312 22.06 -10.10 -2.94
N MET A 312 19.20 -5.58 -2.05
CA MET A 312 20.61 -10.03 -3.12
CA MET A 312 19.92 -4.84 -3.07
C MET A 312 19.99 -8.69 -2.73
C MET A 312 19.15 -4.89 -4.38
N GLY A 313 18.86 -8.34 -3.36
N GLY A 313 18.99 -3.73 -4.99
CA GLY A 313 18.16 -7.10 -3.07
CA GLY A 313 18.30 -3.63 -6.27
C GLY A 313 16.70 -7.10 -3.50
C GLY A 313 16.81 -3.44 -6.19
N ILE A 314 15.87 -6.35 -2.74
N ILE A 314 16.21 -3.53 -4.98
CA ILE A 314 14.44 -6.19 -3.03
CA ILE A 314 14.76 -3.35 -4.89
C ILE A 314 14.11 -4.70 -3.23
C ILE A 314 14.42 -1.86 -4.95
N ASN A 315 14.09 -4.24 -4.48
N ASN A 315 13.88 -1.41 -6.08
CA ASN A 315 13.82 -2.85 -4.85
CA ASN A 315 13.49 -0.01 -6.23
C ASN A 315 12.36 -2.65 -5.29
C ASN A 315 12.06 0.27 -5.73
N LYS A 316 11.53 -2.00 -4.43
N LYS A 316 11.23 -0.79 -5.56
CA LYS A 316 10.13 -1.68 -4.72
CA LYS A 316 9.84 -0.77 -5.10
C LYS A 316 9.78 -0.33 -4.08
C LYS A 316 9.56 0.25 -4.01
N ALA A 317 9.06 0.53 -4.80
N ALA A 317 9.04 1.40 -4.41
CA ALA A 317 8.75 1.88 -4.32
CA ALA A 317 8.74 2.53 -3.54
C ALA A 317 7.66 2.02 -3.26
C ALA A 317 7.56 2.32 -2.61
N ASP A 318 6.78 1.03 -3.07
N ASP A 318 6.67 1.37 -2.90
CA ASP A 318 5.66 1.19 -2.14
CA ASP A 318 5.44 1.21 -2.13
C ASP A 318 5.45 0.01 -1.21
C ASP A 318 5.39 -0.03 -1.19
N ILE A 319 6.48 -0.33 -0.46
CA ILE A 319 6.43 -1.43 0.51
C ILE A 319 5.81 -0.85 1.75
N ARG A 320 4.65 -1.37 2.17
CA ARG A 320 3.92 -0.84 3.33
C ARG A 320 4.28 -1.46 4.68
N GLN A 321 4.88 -2.65 4.67
CA GLN A 321 5.23 -3.34 5.90
C GLN A 321 6.47 -4.16 5.73
N VAL A 322 7.34 -4.11 6.72
CA VAL A 322 8.54 -4.93 6.83
C VAL A 322 8.40 -5.66 8.17
N ILE A 323 8.47 -6.99 8.15
CA ILE A 323 8.41 -7.78 9.38
C ILE A 323 9.72 -8.51 9.54
N HIS A 324 10.44 -8.31 10.67
CA HIS A 324 11.66 -9.06 10.90
C HIS A 324 11.21 -10.23 11.76
N TYR A 325 11.13 -11.44 11.19
CA TYR A 325 10.68 -12.61 11.95
C TYR A 325 11.90 -13.21 12.61
N GLY A 326 12.27 -12.64 13.74
CA GLY A 326 13.47 -13.00 14.48
C GLY A 326 14.34 -11.77 14.62
N ALA A 327 15.06 -11.65 15.74
CA ALA A 327 15.90 -10.50 16.01
C ALA A 327 16.90 -10.20 14.92
N PRO A 328 16.99 -8.94 14.50
CA PRO A 328 17.94 -8.59 13.45
C PRO A 328 19.39 -8.84 13.89
N LYS A 329 20.29 -8.99 12.93
CA LYS A 329 21.69 -9.24 13.21
C LYS A 329 22.32 -8.06 14.02
N ASP A 330 22.68 -6.95 13.36
CA ASP A 330 23.27 -5.76 13.97
C ASP A 330 22.43 -4.52 13.63
N MET A 331 22.72 -3.35 14.22
N MET A 331 22.32 -3.60 14.62
CA MET A 331 22.04 -2.10 13.84
CA MET A 331 21.51 -2.37 14.56
C MET A 331 22.21 -1.74 12.34
C MET A 331 21.80 -1.52 13.33
N GLU A 332 23.34 -2.10 11.70
N GLU A 332 23.01 -1.63 12.77
CA GLU A 332 23.52 -1.83 10.26
CA GLU A 332 23.39 -0.91 11.57
C GLU A 332 22.56 -2.67 9.45
C GLU A 332 22.72 -1.59 10.36
N SER A 333 22.35 -3.95 9.87
N SER A 333 22.89 -2.92 10.19
CA SER A 333 21.44 -4.86 9.22
CA SER A 333 22.27 -3.66 9.07
C SER A 333 20.01 -4.31 9.36
C SER A 333 20.75 -3.73 9.15
N TYR A 334 19.60 -3.90 10.58
N TYR A 334 20.19 -3.64 10.38
CA TYR A 334 18.26 -3.35 10.77
CA TYR A 334 18.76 -3.60 10.63
C TYR A 334 17.99 -2.13 9.89
C TYR A 334 18.25 -2.28 10.07
N TYR A 335 18.91 -1.15 9.89
N TYR A 335 18.92 -1.15 10.43
CA TYR A 335 18.83 0.07 9.09
CA TYR A 335 18.64 0.20 9.94
C TYR A 335 18.74 -0.25 7.59
C TYR A 335 18.75 0.29 8.39
N GLN A 336 19.70 -1.02 7.08
N GLN A 336 19.21 -0.77 7.70
CA GLN A 336 19.73 -1.41 5.67
CA GLN A 336 19.28 -0.84 6.24
C GLN A 336 18.50 -2.22 5.26
C GLN A 336 18.11 -1.68 5.66
N GLU A 337 17.82 -2.88 6.20
CA GLU A 337 16.67 -3.72 5.84
C GLU A 337 15.33 -2.98 5.93
N ILE A 338 15.13 -2.14 6.98
CA ILE A 338 13.89 -1.37 7.09
C ILE A 338 13.81 -0.20 6.10
N GLY A 339 14.94 0.25 5.58
CA GLY A 339 15.03 1.30 4.57
C GLY A 339 14.39 0.93 3.25
N ARG A 340 14.09 -0.37 3.01
CA ARG A 340 13.38 -0.77 1.80
C ARG A 340 11.90 -0.38 1.88
N ALA A 341 11.36 -0.08 3.07
CA ALA A 341 9.97 0.30 3.21
C ALA A 341 9.76 1.81 2.96
N GLY A 342 8.60 2.18 2.45
CA GLY A 342 8.16 3.56 2.25
C GLY A 342 9.04 4.50 1.47
N ARG A 343 9.64 4.05 0.37
CA ARG A 343 10.44 4.93 -0.48
C ARG A 343 9.60 6.00 -1.19
N ASP A 344 8.29 5.81 -1.25
CA ASP A 344 7.37 6.78 -1.81
C ASP A 344 7.05 7.92 -0.82
N GLY A 345 7.50 7.83 0.43
CA GLY A 345 7.24 8.83 1.46
C GLY A 345 5.93 8.65 2.19
N LEU A 346 5.16 7.60 1.84
CA LEU A 346 3.87 7.35 2.50
C LEU A 346 4.06 6.48 3.75
N GLN A 347 3.05 6.46 4.62
CA GLN A 347 3.06 5.73 5.88
C GLN A 347 3.36 4.24 5.70
N SER A 348 4.40 3.75 6.41
CA SER A 348 4.80 2.35 6.41
C SER A 348 5.11 1.89 7.83
N SER A 349 5.22 0.58 8.05
CA SER A 349 5.52 0.05 9.37
C SER A 349 6.64 -0.99 9.31
N CYS A 350 7.45 -1.02 10.33
CA CYS A 350 8.52 -1.97 10.47
C CYS A 350 8.41 -2.57 11.86
N HIS A 351 8.04 -3.87 11.91
CA HIS A 351 7.88 -4.61 13.15
C HIS A 351 8.98 -5.65 13.32
N VAL A 352 9.45 -5.85 14.57
CA VAL A 352 10.39 -6.91 14.89
C VAL A 352 9.64 -7.90 15.78
N LEU A 353 9.67 -9.19 15.45
CA LEU A 353 9.09 -10.23 16.31
C LEU A 353 10.33 -10.97 16.80
N TRP A 354 10.60 -10.99 18.11
CA TRP A 354 11.83 -11.59 18.61
C TRP A 354 11.66 -12.44 19.87
N ALA A 355 12.72 -13.17 20.23
CA ALA A 355 12.83 -14.03 21.41
C ALA A 355 14.32 -14.07 21.79
N PRO A 356 14.67 -14.13 23.08
CA PRO A 356 16.10 -14.12 23.46
C PRO A 356 16.95 -15.23 22.82
N ALA A 357 16.33 -16.35 22.44
CA ALA A 357 17.03 -17.43 21.74
C ALA A 357 17.64 -16.95 20.43
N ASP A 358 16.98 -15.98 19.75
CA ASP A 358 17.48 -15.44 18.49
C ASP A 358 18.82 -14.77 18.67
N ILE A 359 18.96 -13.92 19.71
CA ILE A 359 20.21 -13.17 19.93
C ILE A 359 21.39 -14.09 20.25
N ASN A 360 21.13 -15.25 20.90
CA ASN A 360 22.21 -16.20 21.18
C ASN A 360 22.72 -16.85 19.90
N LEU A 361 21.81 -17.13 18.96
CA LEU A 361 22.15 -17.67 17.64
C LEU A 361 22.99 -16.65 16.85
N ASN A 362 22.65 -15.36 16.98
CA ASN A 362 23.36 -14.27 16.33
C ASN A 362 24.79 -14.15 16.86
N ARG A 363 25.01 -14.46 18.16
CA ARG A 363 26.33 -14.41 18.81
C ARG A 363 27.34 -15.31 18.12
N HIS A 364 26.89 -16.47 17.60
CA HIS A 364 27.81 -17.37 16.92
C HIS A 364 27.97 -16.95 15.47
N LEU A 365 26.86 -16.74 14.76
CA LEU A 365 26.88 -16.35 13.35
C LEU A 365 26.67 -14.84 13.16
N ARG A 370 35.21 -12.90 9.77
CA ARG A 370 36.21 -12.10 9.07
C ARG A 370 37.25 -11.49 10.05
N ASN A 371 37.52 -10.16 10.04
CA ASN A 371 38.53 -9.58 10.94
C ASN A 371 38.02 -9.27 12.35
N GLU A 372 38.93 -9.22 13.33
CA GLU A 372 38.59 -8.95 14.73
C GLU A 372 37.95 -7.58 14.91
N LYS A 373 38.37 -6.56 14.13
CA LYS A 373 37.79 -5.22 14.22
C LYS A 373 36.30 -5.28 13.84
N PHE A 374 35.97 -6.03 12.76
CA PHE A 374 34.59 -6.25 12.30
C PHE A 374 33.82 -6.92 13.41
N ARG A 375 34.36 -8.01 13.97
CA ARG A 375 33.71 -8.77 15.03
C ARG A 375 33.35 -7.91 16.23
N LEU A 376 34.28 -7.05 16.68
CA LEU A 376 34.04 -6.17 17.81
C LEU A 376 32.97 -5.13 17.46
N TYR A 377 33.06 -4.55 16.26
CA TYR A 377 32.09 -3.57 15.77
C TYR A 377 30.68 -4.17 15.73
N LYS A 378 30.53 -5.37 15.12
CA LYS A 378 29.29 -6.11 15.01
C LYS A 378 28.77 -6.51 16.39
N LEU A 379 29.65 -6.97 17.31
CA LEU A 379 29.24 -7.36 18.66
C LEU A 379 28.73 -6.15 19.45
N LYS A 380 29.32 -4.96 19.21
CA LYS A 380 28.89 -3.73 19.84
C LYS A 380 27.48 -3.39 19.36
N MET A 381 27.24 -3.46 18.04
CA MET A 381 25.93 -3.22 17.45
C MET A 381 24.90 -4.27 17.86
N MET A 382 25.33 -5.51 18.18
CA MET A 382 24.45 -6.58 18.64
C MET A 382 24.04 -6.35 20.10
N ALA A 383 24.96 -5.86 20.94
CA ALA A 383 24.62 -5.52 22.33
C ALA A 383 23.62 -4.33 22.31
N LYS A 384 23.85 -3.36 21.38
CA LYS A 384 22.96 -2.22 21.14
C LYS A 384 21.60 -2.75 20.68
N MET A 385 21.60 -3.79 19.81
CA MET A 385 20.40 -4.43 19.29
C MET A 385 19.57 -5.03 20.41
N GLU A 386 20.20 -5.76 21.34
CA GLU A 386 19.45 -6.35 22.46
C GLU A 386 18.87 -5.28 23.39
N LYS A 387 19.61 -4.18 23.56
CA LYS A 387 19.18 -3.03 24.37
C LYS A 387 17.96 -2.40 23.68
N TYR A 388 18.05 -2.22 22.35
CA TYR A 388 16.99 -1.66 21.52
C TYR A 388 15.72 -2.49 21.64
N LEU A 389 15.84 -3.83 21.57
CA LEU A 389 14.67 -4.70 21.62
C LEU A 389 13.97 -4.69 22.96
N HIS A 390 14.75 -4.61 24.06
CA HIS A 390 14.20 -4.58 25.42
C HIS A 390 13.69 -3.21 25.86
N SER A 391 14.27 -2.16 25.29
CA SER A 391 14.02 -0.77 25.63
C SER A 391 12.56 -0.32 25.66
N SER A 392 12.29 0.61 26.59
CA SER A 392 11.01 1.27 26.83
C SER A 392 11.01 2.73 26.28
N ARG A 393 12.17 3.19 25.75
CA ARG A 393 12.38 4.51 25.15
C ARG A 393 11.97 4.46 23.65
N CYS A 394 11.87 5.65 23.04
CA CYS A 394 11.56 5.81 21.64
C CYS A 394 12.58 5.07 20.78
N ARG A 395 12.07 4.11 19.94
CA ARG A 395 12.87 3.32 19.02
C ARG A 395 13.61 4.23 18.05
N ARG A 396 12.93 5.29 17.59
CA ARG A 396 13.51 6.22 16.64
C ARG A 396 14.66 6.99 17.25
N GLN A 397 14.51 7.43 18.52
CA GLN A 397 15.61 8.08 19.26
C GLN A 397 16.81 7.15 19.40
N ILE A 398 16.61 5.87 19.75
CA ILE A 398 17.73 4.92 19.86
C ILE A 398 18.54 4.84 18.55
N ILE A 399 17.92 4.41 17.43
N ILE A 399 17.86 4.74 17.40
CA ILE A 399 18.58 4.15 16.15
CA ILE A 399 18.52 4.71 16.09
C ILE A 399 19.52 5.27 15.67
C ILE A 399 19.17 6.06 15.74
N LEU A 400 19.07 6.52 15.72
N LEU A 400 18.47 7.19 16.01
CA LEU A 400 19.88 7.65 15.22
CA LEU A 400 18.99 8.53 15.75
C LEU A 400 21.12 7.99 16.09
C LEU A 400 20.19 8.90 16.65
N SER A 401 21.16 7.53 17.35
N SER A 401 20.29 8.29 17.84
CA SER A 401 22.30 7.77 18.22
CA SER A 401 21.40 8.56 18.75
C SER A 401 23.51 6.88 17.87
C SER A 401 22.64 7.82 18.27
N HIS A 402 23.25 5.65 17.38
N HIS A 402 22.46 6.57 17.82
CA HIS A 402 24.28 4.66 17.01
CA HIS A 402 23.52 5.71 17.29
C HIS A 402 25.17 5.12 15.88
C HIS A 402 23.83 6.12 15.84
N PHE A 403 24.60 5.90 14.96
N PHE A 403 23.76 7.42 15.52
CA PHE A 403 25.38 6.45 13.84
CA PHE A 403 23.99 7.90 14.16
C PHE A 403 25.87 7.88 14.13
C PHE A 403 25.43 8.31 13.96
N GLU A 404 25.68 8.39 15.38
N GLU A 404 26.01 8.98 14.98
CA GLU A 404 26.01 9.73 15.85
CA GLU A 404 27.37 9.52 14.92
C GLU A 404 25.47 10.78 14.91
C GLU A 404 27.52 10.47 13.69
N ASP A 405 24.23 10.58 14.44
N ASP A 405 26.46 11.27 13.47
CA ASP A 405 23.58 11.46 13.50
CA ASP A 405 26.31 12.27 12.41
C ASP A 405 23.42 12.87 14.06
C ASP A 405 26.14 13.67 13.11
N LYS A 406 24.04 13.82 13.37
N LYS A 406 25.66 14.72 12.40
CA LYS A 406 23.98 15.23 13.73
CA LYS A 406 25.51 16.03 13.01
C LYS A 406 22.95 16.01 12.89
C LYS A 406 24.27 16.09 13.97
N GLN A 407 22.31 15.37 11.89
N GLN A 407 23.05 16.38 13.47
CA GLN A 407 21.30 16.01 11.07
CA GLN A 407 21.88 16.48 14.33
C GLN A 407 19.91 15.51 11.37
C GLN A 407 20.58 15.98 13.65
N VAL A 408 19.53 15.53 12.66
N VAL A 408 19.43 16.04 14.36
CA VAL A 408 18.20 15.14 13.16
CA VAL A 408 18.16 15.56 13.80
C VAL A 408 17.29 16.39 13.28
C VAL A 408 17.25 16.73 13.39
N GLN A 409 16.68 16.71 12.14
CA GLN A 409 15.83 17.83 11.73
C GLN A 409 14.38 17.83 12.29
N LYS A 410 13.68 18.95 12.05
CA LYS A 410 12.33 19.24 12.53
C LYS A 410 11.31 18.16 12.16
N ALA A 411 11.44 17.55 10.98
CA ALA A 411 10.50 16.51 10.54
C ALA A 411 10.50 15.32 11.49
N SER A 412 11.69 14.90 11.95
CA SER A 412 11.86 13.80 12.88
C SER A 412 11.30 14.17 14.23
N LEU A 413 11.66 15.36 14.76
CA LEU A 413 11.15 15.83 16.07
C LEU A 413 9.64 15.97 16.10
N GLY A 414 9.04 16.33 14.97
CA GLY A 414 7.60 16.44 14.85
C GLY A 414 6.89 15.10 14.91
N ILE A 415 7.57 14.02 14.50
CA ILE A 415 6.98 12.69 14.53
C ILE A 415 7.22 12.01 15.90
N MET A 416 8.40 12.20 16.49
CA MET A 416 8.70 11.64 17.82
C MET A 416 7.73 12.15 18.90
N GLY A 417 7.30 11.26 19.78
CA GLY A 417 6.37 11.61 20.84
C GLY A 417 4.91 11.49 20.43
N THR A 418 4.64 11.09 19.16
CA THR A 418 3.28 10.90 18.62
C THR A 418 2.98 9.37 18.38
N GLU A 419 1.72 9.04 18.05
CA GLU A 419 1.26 7.68 17.75
C GLU A 419 1.95 7.11 16.50
N LYS A 420 2.27 7.98 15.53
CA LYS A 420 2.89 7.57 14.28
C LYS A 420 4.39 7.31 14.38
N CYS A 421 5.02 7.64 15.53
CA CYS A 421 6.48 7.43 15.65
C CYS A 421 6.90 5.97 15.84
N CYS A 422 6.50 5.38 16.96
CA CYS A 422 6.90 4.08 17.42
C CYS A 422 5.96 3.58 18.52
N ASP A 423 6.09 2.29 18.92
CA ASP A 423 5.24 1.67 19.95
C ASP A 423 5.42 2.31 21.33
N ASN A 424 6.65 2.72 21.64
CA ASN A 424 6.95 3.35 22.92
C ASN A 424 6.50 4.83 22.99
N CYS A 425 6.22 5.47 21.83
CA CYS A 425 5.67 6.83 21.82
C CYS A 425 4.13 6.81 21.87
N ARG A 426 3.50 5.64 21.71
CA ARG A 426 2.07 5.50 21.72
C ARG A 426 1.50 5.56 23.14
N SER A 427 0.26 6.05 23.28
CA SER A 427 -0.40 6.16 24.59
C SER A 427 -1.26 4.93 24.89
N PRO B 16 -54.04 9.35 2.70
CA PRO B 16 -53.43 10.23 3.71
C PRO B 16 -52.21 10.94 3.14
N ALA B 17 -52.23 12.28 3.14
CA ALA B 17 -51.16 13.10 2.57
C ALA B 17 -50.45 13.95 3.62
N PRO B 18 -49.17 14.30 3.39
CA PRO B 18 -48.45 15.11 4.39
C PRO B 18 -49.00 16.52 4.63
N ASN B 19 -48.97 16.95 5.90
CA ASN B 19 -49.42 18.28 6.31
C ASN B 19 -48.37 19.35 5.93
N GLU B 20 -48.71 20.63 6.04
CA GLU B 20 -47.81 21.74 5.73
C GLU B 20 -46.53 21.70 6.58
N GLU B 21 -46.67 21.41 7.88
CA GLU B 21 -45.54 21.33 8.82
C GLU B 21 -44.61 20.18 8.44
N GLN B 22 -45.18 19.06 8.00
CA GLN B 22 -44.43 17.89 7.57
C GLN B 22 -43.53 18.22 6.38
N VAL B 23 -44.09 18.84 5.33
CA VAL B 23 -43.36 19.22 4.13
C VAL B 23 -42.29 20.29 4.42
N THR B 24 -42.61 21.25 5.31
CA THR B 24 -41.69 22.32 5.71
C THR B 24 -40.49 21.74 6.49
N CYS B 25 -40.73 20.68 7.30
CA CYS B 25 -39.67 20.00 8.05
C CYS B 25 -38.75 19.26 7.07
N LEU B 26 -39.36 18.57 6.10
CA LEU B 26 -38.65 17.81 5.07
C LEU B 26 -37.72 18.72 4.28
N LYS B 27 -38.22 19.88 3.84
CA LYS B 27 -37.41 20.83 3.07
C LYS B 27 -36.36 21.54 3.92
N MET B 28 -36.71 21.90 5.17
CA MET B 28 -35.80 22.61 6.06
C MET B 28 -34.62 21.77 6.56
N TYR B 29 -34.87 20.50 6.92
CA TYR B 29 -33.83 19.64 7.46
C TYR B 29 -33.25 18.62 6.50
N PHE B 30 -34.00 18.24 5.45
CA PHE B 30 -33.52 17.23 4.51
C PHE B 30 -33.33 17.74 3.07
N GLY B 31 -33.91 18.90 2.75
CA GLY B 31 -33.77 19.50 1.43
C GLY B 31 -34.64 18.89 0.35
N HIS B 32 -35.63 18.06 0.73
CA HIS B 32 -36.52 17.44 -0.25
C HIS B 32 -37.85 18.18 -0.33
N SER B 33 -38.44 18.24 -1.53
CA SER B 33 -39.73 18.90 -1.70
C SER B 33 -40.93 17.94 -1.61
N SER B 34 -40.68 16.63 -1.64
CA SER B 34 -41.74 15.63 -1.56
C SER B 34 -41.23 14.28 -1.07
N PHE B 35 -42.14 13.45 -0.56
CA PHE B 35 -41.80 12.11 -0.09
C PHE B 35 -42.05 11.09 -1.19
N LYS B 36 -41.17 10.08 -1.29
CA LYS B 36 -41.38 9.01 -2.26
C LYS B 36 -42.53 8.11 -1.74
N PRO B 37 -43.25 7.41 -2.63
CA PRO B 37 -44.41 6.62 -2.15
C PRO B 37 -44.19 5.74 -0.93
N VAL B 38 -43.23 4.81 -0.95
CA VAL B 38 -42.99 3.90 0.17
C VAL B 38 -42.33 4.63 1.37
N GLN B 39 -41.66 5.77 1.12
CA GLN B 39 -41.09 6.58 2.18
C GLN B 39 -42.22 7.15 3.05
N TRP B 40 -43.30 7.62 2.42
CA TRP B 40 -44.45 8.16 3.14
C TRP B 40 -45.30 7.05 3.76
N LYS B 41 -45.36 5.87 3.15
CA LYS B 41 -46.09 4.73 3.71
C LYS B 41 -45.51 4.33 5.06
N VAL B 42 -44.19 4.38 5.20
CA VAL B 42 -43.53 4.01 6.46
C VAL B 42 -43.61 5.15 7.49
N ILE B 43 -43.31 6.38 7.08
CA ILE B 43 -43.35 7.54 7.96
C ILE B 43 -44.74 7.79 8.56
N HIS B 44 -45.79 7.70 7.74
CA HIS B 44 -47.16 7.87 8.23
C HIS B 44 -47.50 6.77 9.24
N SER B 45 -47.11 5.53 8.96
CA SER B 45 -47.39 4.40 9.84
C SER B 45 -46.68 4.50 11.18
N VAL B 46 -45.45 5.04 11.19
CA VAL B 46 -44.70 5.18 12.44
C VAL B 46 -45.19 6.38 13.26
N LEU B 47 -45.37 7.51 12.57
CA LEU B 47 -45.79 8.79 13.14
C LEU B 47 -47.22 8.79 13.67
N GLU B 48 -48.17 8.20 12.93
CA GLU B 48 -49.58 8.22 13.35
C GLU B 48 -50.08 6.93 14.00
N GLU B 49 -49.73 5.77 13.43
CA GLU B 49 -50.22 4.49 13.93
C GLU B 49 -49.29 3.79 14.91
N ARG B 50 -48.03 4.29 15.09
CA ARG B 50 -47.00 3.70 15.95
C ARG B 50 -46.85 2.17 15.67
N ARG B 51 -46.81 1.81 14.38
CA ARG B 51 -46.79 0.41 13.93
C ARG B 51 -45.41 -0.07 13.50
N ASP B 52 -45.17 -1.39 13.64
CA ASP B 52 -43.94 -2.02 13.21
C ASP B 52 -43.91 -2.05 11.66
N ASN B 53 -42.72 -1.99 11.06
CA ASN B 53 -42.60 -1.96 9.61
C ASN B 53 -41.47 -2.87 9.11
N VAL B 54 -41.66 -3.49 7.95
CA VAL B 54 -40.63 -4.27 7.26
C VAL B 54 -40.59 -3.67 5.86
N ALA B 55 -39.56 -2.88 5.57
CA ALA B 55 -39.48 -2.17 4.30
C ALA B 55 -38.32 -2.60 3.45
N VAL B 56 -38.61 -3.30 2.35
CA VAL B 56 -37.60 -3.74 1.40
C VAL B 56 -37.53 -2.73 0.29
N MET B 57 -36.50 -1.86 0.33
CA MET B 57 -36.36 -0.82 -0.68
C MET B 57 -35.15 -1.07 -1.56
N ALA B 58 -35.24 -0.62 -2.80
CA ALA B 58 -34.14 -0.75 -3.75
C ALA B 58 -32.88 0.05 -3.30
N THR B 59 -31.74 -0.20 -3.94
CA THR B 59 -30.51 0.53 -3.69
C THR B 59 -30.73 1.98 -4.13
N GLY B 60 -30.35 2.91 -3.28
CA GLY B 60 -30.51 4.33 -3.57
C GLY B 60 -31.92 4.89 -3.47
N TYR B 61 -32.87 4.11 -2.93
CA TYR B 61 -34.26 4.56 -2.79
C TYR B 61 -34.42 5.67 -1.71
N GLY B 62 -33.90 5.43 -0.52
CA GLY B 62 -33.98 6.40 0.56
C GLY B 62 -34.43 5.78 1.87
N LYS B 63 -33.80 4.65 2.25
CA LYS B 63 -34.12 3.95 3.50
C LYS B 63 -33.77 4.79 4.72
N SER B 64 -32.70 5.58 4.65
CA SER B 64 -32.23 6.40 5.77
C SER B 64 -33.23 7.48 6.19
N LEU B 65 -34.09 7.93 5.30
CA LEU B 65 -35.10 8.95 5.63
C LEU B 65 -36.25 8.40 6.48
N CYS B 66 -36.49 7.08 6.40
CA CYS B 66 -37.54 6.42 7.14
C CYS B 66 -37.27 6.34 8.65
N PHE B 67 -36.01 6.49 9.06
CA PHE B 67 -35.68 6.51 10.48
C PHE B 67 -35.13 7.86 10.95
N GLN B 68 -34.64 8.69 10.02
CA GLN B 68 -34.06 9.99 10.35
C GLN B 68 -35.11 11.09 10.45
N TYR B 69 -36.03 11.16 9.48
CA TYR B 69 -37.07 12.19 9.49
C TYR B 69 -38.07 12.07 10.66
N PRO B 70 -38.69 10.90 10.94
CA PRO B 70 -39.69 10.84 12.01
C PRO B 70 -39.27 11.46 13.38
N PRO B 71 -38.08 11.16 13.97
CA PRO B 71 -37.73 11.80 15.26
C PRO B 71 -37.38 13.29 15.15
N VAL B 72 -37.04 13.76 13.94
CA VAL B 72 -36.71 15.17 13.69
C VAL B 72 -38.00 16.03 13.66
N TYR B 73 -39.09 15.46 13.11
CA TYR B 73 -40.37 16.16 13.03
C TYR B 73 -41.03 16.28 14.41
N VAL B 74 -41.07 15.18 15.19
CA VAL B 74 -41.68 15.18 16.51
C VAL B 74 -40.76 15.75 17.62
N GLY B 75 -39.47 15.90 17.34
CA GLY B 75 -38.52 16.43 18.32
C GLY B 75 -38.19 15.46 19.45
N LYS B 76 -38.34 14.14 19.19
CA LYS B 76 -38.04 13.11 20.18
C LYS B 76 -36.70 12.35 19.85
N ILE B 77 -36.58 11.04 20.20
CA ILE B 77 -35.36 10.27 19.96
C ILE B 77 -35.62 9.06 19.05
N GLY B 78 -34.74 8.84 18.07
CA GLY B 78 -34.79 7.70 17.17
C GLY B 78 -33.58 6.82 17.42
N LEU B 79 -33.80 5.55 17.73
CA LEU B 79 -32.71 4.62 18.03
C LEU B 79 -32.31 3.83 16.79
N VAL B 80 -31.02 3.90 16.39
CA VAL B 80 -30.58 3.17 15.19
C VAL B 80 -29.57 2.07 15.50
N ILE B 81 -29.90 0.84 15.15
CA ILE B 81 -29.02 -0.31 15.39
C ILE B 81 -28.35 -0.82 14.09
N SER B 82 -27.01 -0.78 14.06
CA SER B 82 -26.19 -1.27 12.92
C SER B 82 -24.84 -1.77 13.41
N PRO B 83 -24.31 -2.85 12.81
CA PRO B 83 -23.01 -3.38 13.28
C PRO B 83 -21.80 -2.56 12.78
N LEU B 84 -21.95 -1.97 11.59
CA LEU B 84 -20.95 -1.20 10.88
C LEU B 84 -20.61 0.10 11.57
N ILE B 85 -19.70 0.03 12.55
CA ILE B 85 -19.20 1.14 13.36
C ILE B 85 -18.77 2.35 12.54
N SER B 86 -17.97 2.11 11.48
CA SER B 86 -17.48 3.18 10.61
C SER B 86 -18.62 3.89 9.90
N LEU B 87 -19.65 3.12 9.51
CA LEU B 87 -20.81 3.66 8.81
C LEU B 87 -21.67 4.52 9.73
N MET B 88 -21.78 4.12 11.00
CA MET B 88 -22.52 4.91 11.98
C MET B 88 -21.85 6.27 12.21
N GLU B 89 -20.48 6.29 12.22
CA GLU B 89 -19.71 7.52 12.34
C GLU B 89 -19.91 8.44 11.14
N ASP B 90 -20.01 7.85 9.94
CA ASP B 90 -20.24 8.61 8.70
C ASP B 90 -21.61 9.26 8.71
N GLN B 91 -22.62 8.54 9.24
CA GLN B 91 -23.99 9.03 9.32
C GLN B 91 -24.16 10.13 10.36
N VAL B 92 -23.45 10.02 11.50
CA VAL B 92 -23.49 11.05 12.52
C VAL B 92 -22.91 12.37 11.95
N LEU B 93 -21.81 12.27 11.17
CA LEU B 93 -21.19 13.44 10.54
C LEU B 93 -22.13 14.10 9.54
N GLN B 94 -22.84 13.28 8.75
CA GLN B 94 -23.78 13.77 7.75
C GLN B 94 -25.00 14.43 8.38
N LEU B 95 -25.54 13.84 9.45
CA LEU B 95 -26.68 14.39 10.21
C LEU B 95 -26.30 15.75 10.79
N LYS B 96 -25.10 15.86 11.35
CA LYS B 96 -24.61 17.11 11.90
C LYS B 96 -24.53 18.20 10.84
N MET B 97 -24.08 17.84 9.63
CA MET B 97 -24.00 18.81 8.52
C MET B 97 -25.39 19.29 8.07
N SER B 98 -26.44 18.49 8.30
CA SER B 98 -27.80 18.88 7.97
C SER B 98 -28.54 19.56 9.16
N ASN B 99 -27.79 20.01 10.19
CA ASN B 99 -28.30 20.65 11.40
C ASN B 99 -29.16 19.71 12.27
N ILE B 100 -28.88 18.40 12.20
CA ILE B 100 -29.59 17.41 12.99
C ILE B 100 -28.66 16.86 14.05
N PRO B 101 -28.94 17.13 15.33
CA PRO B 101 -28.07 16.60 16.39
C PRO B 101 -28.10 15.08 16.47
N ALA B 102 -26.93 14.46 16.39
CA ALA B 102 -26.83 13.01 16.42
C ALA B 102 -25.57 12.55 17.13
N CYS B 103 -25.56 11.30 17.62
CA CYS B 103 -24.40 10.74 18.32
C CYS B 103 -24.37 9.21 18.34
N PHE B 104 -23.23 8.66 18.75
CA PHE B 104 -23.04 7.23 18.91
C PHE B 104 -23.04 6.93 20.42
N LEU B 105 -23.86 5.98 20.85
CA LEU B 105 -23.89 5.55 22.25
C LEU B 105 -23.29 4.16 22.33
N GLY B 106 -22.24 4.00 23.13
CA GLY B 106 -21.56 2.71 23.27
C GLY B 106 -20.85 2.53 24.59
N ALA B 108 -18.57 2.48 27.64
CA ALA B 108 -17.35 2.93 26.99
C ALA B 108 -17.56 4.28 26.26
N GLN B 109 -18.33 5.19 26.88
CA GLN B 109 -18.59 6.51 26.28
C GLN B 109 -18.59 7.68 27.28
N SER B 110 -18.38 8.90 26.76
CA SER B 110 -18.35 10.15 27.53
C SER B 110 -19.64 10.37 28.29
N GLU B 111 -19.59 10.30 29.63
CA GLU B 111 -20.76 10.45 30.50
C GLU B 111 -21.52 11.77 30.31
N ASN B 112 -20.84 12.82 29.81
CA ASN B 112 -21.48 14.09 29.51
C ASN B 112 -22.45 13.93 28.32
N VAL B 113 -22.04 13.12 27.32
CA VAL B 113 -22.86 12.85 26.14
C VAL B 113 -24.08 11.98 26.51
N LEU B 114 -23.92 11.05 27.47
CA LEU B 114 -25.02 10.21 27.92
C LEU B 114 -26.06 11.03 28.71
N THR B 115 -25.61 12.06 29.46
CA THR B 115 -26.54 12.92 30.18
C THR B 115 -27.31 13.82 29.19
N ASP B 116 -26.67 14.22 28.07
CA ASP B 116 -27.30 15.00 27.00
C ASP B 116 -28.38 14.18 26.27
N ILE B 117 -28.25 12.85 26.24
CA ILE B 117 -29.24 11.94 25.66
C ILE B 117 -30.46 11.87 26.60
N LYS B 118 -30.21 11.76 27.93
CA LYS B 118 -31.25 11.76 28.96
C LYS B 118 -32.01 13.11 29.01
N LEU B 119 -31.39 14.20 28.55
CA LEU B 119 -31.99 15.53 28.47
C LEU B 119 -32.82 15.73 27.18
N GLY B 120 -32.62 14.87 26.19
CA GLY B 120 -33.31 14.95 24.90
C GLY B 120 -32.65 15.93 23.96
N LYS B 121 -31.31 16.03 24.01
CA LYS B 121 -30.55 16.94 23.15
C LYS B 121 -30.07 16.29 21.84
N TYR B 122 -30.38 15.00 21.62
CA TYR B 122 -29.96 14.27 20.43
C TYR B 122 -31.16 13.64 19.74
N ARG B 123 -31.39 13.99 18.47
CA ARG B 123 -32.53 13.42 17.73
C ARG B 123 -32.29 11.96 17.36
N ILE B 124 -31.08 11.64 16.85
CA ILE B 124 -30.77 10.28 16.42
C ILE B 124 -29.59 9.71 17.19
N VAL B 125 -29.77 8.55 17.83
CA VAL B 125 -28.75 7.90 18.63
C VAL B 125 -28.42 6.54 18.05
N TYR B 126 -27.14 6.31 17.72
CA TYR B 126 -26.69 5.05 17.12
C TYR B 126 -26.15 4.11 18.16
N VAL B 127 -26.58 2.85 18.11
CA VAL B 127 -26.13 1.84 19.05
C VAL B 127 -25.78 0.54 18.33
N THR B 128 -24.78 -0.17 18.87
CA THR B 128 -24.38 -1.46 18.35
C THR B 128 -25.37 -2.52 18.88
N PRO B 129 -25.56 -3.64 18.16
CA PRO B 129 -26.51 -4.67 18.65
C PRO B 129 -26.15 -5.22 20.03
N GLU B 130 -24.85 -5.30 20.33
CA GLU B 130 -24.37 -5.86 21.59
C GLU B 130 -24.53 -4.90 22.79
N TYR B 131 -24.67 -3.59 22.55
CA TYR B 131 -24.84 -2.63 23.65
C TYR B 131 -26.19 -2.78 24.39
N CYS B 132 -27.22 -3.29 23.68
CA CYS B 132 -28.55 -3.52 24.29
C CYS B 132 -28.64 -4.90 24.96
N SER B 133 -27.52 -5.50 25.39
CA SER B 133 -27.55 -6.82 26.03
C SER B 133 -27.95 -6.68 27.49
N GLY B 134 -27.31 -5.75 28.19
CA GLY B 134 -27.57 -5.49 29.61
C GLY B 134 -27.91 -4.05 29.92
N ASN B 135 -28.09 -3.21 28.89
CA ASN B 135 -28.45 -1.81 29.10
C ASN B 135 -29.90 -1.49 28.74
N MET B 136 -30.77 -2.53 28.64
CA MET B 136 -32.20 -2.43 28.33
C MET B 136 -32.97 -1.52 29.31
N GLY B 137 -32.43 -1.34 30.50
CA GLY B 137 -33.04 -0.47 31.50
C GLY B 137 -32.95 0.98 31.10
N LEU B 138 -31.83 1.39 30.51
CA LEU B 138 -31.64 2.77 30.05
C LEU B 138 -32.62 3.11 28.91
N LEU B 139 -32.90 2.12 28.04
CA LEU B 139 -33.82 2.28 26.91
C LEU B 139 -35.24 2.56 27.43
N GLN B 140 -35.70 1.80 28.43
CA GLN B 140 -37.02 1.98 29.02
C GLN B 140 -37.15 3.31 29.75
N GLN B 141 -36.07 3.78 30.38
CA GLN B 141 -36.02 5.06 31.08
C GLN B 141 -36.08 6.22 30.07
N LEU B 142 -35.36 6.09 28.92
CA LEU B 142 -35.38 7.10 27.88
C LEU B 142 -36.77 7.16 27.23
N GLU B 143 -37.41 6.01 27.05
CA GLU B 143 -38.75 5.94 26.47
C GLU B 143 -39.76 6.63 27.39
N ALA B 144 -39.79 6.26 28.68
CA ALA B 144 -40.73 6.84 29.64
C ALA B 144 -40.52 8.34 29.88
N ASP B 145 -39.28 8.80 29.96
CA ASP B 145 -39.00 10.21 30.25
C ASP B 145 -39.03 11.12 29.00
N ILE B 146 -38.35 10.74 27.91
CA ILE B 146 -38.30 11.56 26.70
C ILE B 146 -39.23 11.05 25.61
N GLY B 147 -39.15 9.76 25.32
CA GLY B 147 -39.95 9.13 24.28
C GLY B 147 -39.14 8.72 23.07
N ILE B 148 -39.23 7.44 22.70
CA ILE B 148 -38.51 6.93 21.54
C ILE B 148 -39.48 6.74 20.35
N THR B 149 -39.33 7.60 19.32
CA THR B 149 -40.15 7.60 18.12
C THR B 149 -40.09 6.27 17.40
N LEU B 150 -38.89 5.69 17.24
CA LEU B 150 -38.73 4.41 16.53
C LEU B 150 -37.40 3.71 16.83
N ILE B 151 -37.33 2.41 16.54
CA ILE B 151 -36.12 1.60 16.65
C ILE B 151 -35.84 1.00 15.26
N ALA B 152 -34.79 1.50 14.59
CA ALA B 152 -34.42 1.06 13.25
C ALA B 152 -33.38 -0.04 13.27
N VAL B 153 -33.61 -1.11 12.52
CA VAL B 153 -32.66 -2.21 12.37
C VAL B 153 -32.20 -2.19 10.91
N ASP B 154 -31.11 -1.45 10.60
CA ASP B 154 -30.63 -1.41 9.22
C ASP B 154 -29.92 -2.71 8.86
N GLU B 155 -30.02 -3.13 7.59
CA GLU B 155 -29.51 -4.40 7.08
C GLU B 155 -30.20 -5.53 7.83
N ALA B 156 -31.53 -5.45 7.94
CA ALA B 156 -32.40 -6.42 8.62
C ALA B 156 -32.18 -7.88 8.17
N HIS B 157 -31.70 -8.05 6.93
CA HIS B 157 -31.36 -9.36 6.36
C HIS B 157 -30.20 -10.04 7.14
N CYS B 158 -29.64 -9.36 8.18
CA CYS B 158 -28.55 -9.75 9.08
C CYS B 158 -27.21 -9.40 8.44
N SER B 169 -25.98 -13.15 15.40
CA SER B 169 -26.25 -12.18 16.45
C SER B 169 -27.73 -11.74 16.50
N PHE B 170 -28.66 -12.65 16.18
CA PHE B 170 -30.08 -12.32 16.24
C PHE B 170 -30.76 -13.02 17.46
N ARG B 171 -32.09 -12.83 17.64
CA ARG B 171 -32.90 -13.33 18.77
C ARG B 171 -32.62 -12.54 20.07
N LYS B 172 -31.41 -11.99 20.20
CA LYS B 172 -31.05 -11.07 21.28
C LYS B 172 -31.70 -9.68 20.98
N LEU B 173 -31.90 -9.34 19.68
CA LEU B 173 -32.61 -8.12 19.29
C LEU B 173 -34.15 -8.33 19.31
N GLY B 174 -34.61 -9.58 19.33
CA GLY B 174 -36.01 -9.94 19.44
C GLY B 174 -36.61 -9.61 20.81
N SER B 175 -35.74 -9.40 21.81
CA SER B 175 -36.13 -9.03 23.17
C SER B 175 -36.53 -7.54 23.27
N LEU B 176 -36.21 -6.71 22.25
CA LEU B 176 -36.54 -5.29 22.24
C LEU B 176 -38.03 -4.99 22.25
N LYS B 177 -38.83 -5.70 21.43
CA LYS B 177 -40.27 -5.50 21.38
C LYS B 177 -40.92 -5.75 22.76
N THR B 178 -40.44 -6.78 23.47
CA THR B 178 -40.96 -7.12 24.79
C THR B 178 -40.69 -5.97 25.77
N ALA B 179 -39.46 -5.44 25.76
CA ALA B 179 -39.06 -4.35 26.64
C ALA B 179 -39.75 -3.03 26.27
N LEU B 180 -39.87 -2.74 24.98
CA LEU B 180 -40.51 -1.51 24.50
C LEU B 180 -41.64 -1.86 23.55
N PRO B 181 -42.81 -2.27 24.07
CA PRO B 181 -43.91 -2.68 23.19
C PRO B 181 -44.60 -1.55 22.45
N MET B 182 -44.57 -0.33 23.00
CA MET B 182 -45.22 0.81 22.35
C MET B 182 -44.32 1.56 21.36
N VAL B 183 -43.06 1.16 21.23
CA VAL B 183 -42.11 1.76 20.30
C VAL B 183 -42.05 0.97 18.99
N PRO B 184 -42.45 1.60 17.86
CA PRO B 184 -42.43 0.91 16.57
C PRO B 184 -41.02 0.51 16.10
N ILE B 185 -40.87 -0.72 15.62
CA ILE B 185 -39.58 -1.20 15.10
C ILE B 185 -39.65 -1.20 13.57
N VAL B 186 -38.73 -0.48 12.90
CA VAL B 186 -38.69 -0.47 11.45
C VAL B 186 -37.43 -1.14 10.93
N ALA B 187 -37.58 -2.29 10.30
CA ALA B 187 -36.47 -3.05 9.75
C ALA B 187 -36.27 -2.68 8.27
N LEU B 188 -35.10 -2.14 7.92
CA LEU B 188 -34.81 -1.77 6.53
C LEU B 188 -33.89 -2.78 5.88
N THR B 189 -34.11 -3.09 4.59
CA THR B 189 -33.26 -3.99 3.80
C THR B 189 -33.41 -3.73 2.30
N ALA B 190 -32.38 -4.13 1.52
CA ALA B 190 -32.35 -4.02 0.06
C ALA B 190 -32.27 -5.40 -0.59
N THR B 191 -31.69 -6.39 0.10
CA THR B 191 -31.57 -7.75 -0.39
C THR B 191 -32.32 -8.65 0.58
N ALA B 192 -33.58 -9.00 0.27
CA ALA B 192 -34.38 -9.85 1.16
C ALA B 192 -35.47 -10.56 0.41
N SER B 193 -35.37 -11.89 0.26
CA SER B 193 -36.42 -12.66 -0.42
C SER B 193 -37.69 -12.74 0.42
N SER B 194 -38.84 -13.15 -0.15
CA SER B 194 -40.09 -13.25 0.60
C SER B 194 -40.01 -14.23 1.78
N SER B 195 -39.12 -15.23 1.70
CA SER B 195 -38.92 -16.20 2.78
C SER B 195 -38.14 -15.53 3.93
N ILE B 196 -37.10 -14.76 3.58
CA ILE B 196 -36.28 -14.02 4.54
C ILE B 196 -37.09 -12.89 5.20
N ARG B 197 -38.09 -12.33 4.47
CA ARG B 197 -39.03 -11.30 4.91
C ARG B 197 -39.83 -11.81 6.12
N GLU B 198 -40.22 -13.10 6.09
CA GLU B 198 -40.96 -13.74 7.18
C GLU B 198 -40.03 -14.00 8.37
N ASP B 199 -38.80 -14.43 8.08
CA ASP B 199 -37.78 -14.69 9.10
C ASP B 199 -37.42 -13.45 9.90
N ILE B 200 -37.52 -12.26 9.29
CA ILE B 200 -37.25 -10.98 9.97
C ILE B 200 -38.29 -10.74 11.05
N VAL B 201 -39.59 -10.84 10.71
CA VAL B 201 -40.70 -10.64 11.64
C VAL B 201 -40.59 -11.61 12.82
N ARG B 202 -40.32 -12.88 12.54
CA ARG B 202 -40.18 -13.95 13.53
C ARG B 202 -39.07 -13.66 14.55
N CYS B 203 -37.85 -13.41 14.07
CA CYS B 203 -36.69 -13.19 14.94
C CYS B 203 -36.76 -11.86 15.69
N LEU B 204 -37.45 -10.86 15.15
CA LEU B 204 -37.59 -9.57 15.83
C LEU B 204 -38.90 -9.40 16.62
N ASN B 205 -39.81 -10.41 16.55
CA ASN B 205 -41.10 -10.46 17.22
C ASN B 205 -41.93 -9.22 16.92
N LEU B 206 -42.25 -8.99 15.64
CA LEU B 206 -43.03 -7.83 15.24
C LEU B 206 -44.53 -8.07 15.33
N ARG B 207 -45.27 -7.05 15.77
CA ARG B 207 -46.71 -7.15 15.89
C ARG B 207 -47.39 -6.54 14.68
N ASN B 208 -48.03 -7.41 13.87
CA ASN B 208 -48.73 -7.06 12.62
C ASN B 208 -48.06 -5.94 11.84
N PRO B 209 -46.84 -6.16 11.35
CA PRO B 209 -46.11 -5.06 10.70
C PRO B 209 -46.53 -4.76 9.27
N GLN B 210 -46.45 -3.48 8.87
CA GLN B 210 -46.76 -3.09 7.51
C GLN B 210 -45.58 -3.51 6.67
N ILE B 211 -45.77 -4.48 5.76
CA ILE B 211 -44.70 -4.95 4.89
C ILE B 211 -44.74 -4.28 3.52
N THR B 212 -43.80 -3.36 3.26
CA THR B 212 -43.75 -2.64 1.99
C THR B 212 -42.54 -3.05 1.18
N CYS B 213 -42.71 -3.07 -0.15
CA CYS B 213 -41.70 -3.45 -1.12
C CYS B 213 -41.74 -2.47 -2.26
N THR B 214 -40.60 -1.90 -2.64
CA THR B 214 -40.56 -0.97 -3.77
C THR B 214 -40.31 -1.70 -5.11
N GLY B 215 -39.73 -2.89 -5.06
CA GLY B 215 -39.25 -3.56 -6.24
C GLY B 215 -37.76 -3.23 -6.38
N PHE B 216 -36.99 -4.16 -6.90
CA PHE B 216 -35.54 -4.07 -6.97
C PHE B 216 -34.94 -3.43 -8.21
N ASP B 217 -35.74 -2.99 -9.20
CA ASP B 217 -35.16 -2.42 -10.40
C ASP B 217 -34.56 -1.01 -10.25
N ARG B 218 -33.51 -0.76 -11.04
CA ARG B 218 -32.80 0.52 -11.17
C ARG B 218 -32.76 0.70 -12.68
N PRO B 219 -33.82 1.26 -13.26
CA PRO B 219 -33.91 1.28 -14.75
C PRO B 219 -32.86 2.16 -15.44
N ASN B 220 -32.19 3.04 -14.68
CA ASN B 220 -31.15 3.91 -15.21
C ASN B 220 -29.75 3.25 -15.23
N LEU B 221 -29.63 1.95 -14.87
CA LEU B 221 -28.36 1.25 -14.91
C LEU B 221 -28.34 0.25 -16.06
N TYR B 222 -27.54 0.52 -17.12
CA TYR B 222 -27.36 -0.40 -18.24
C TYR B 222 -26.43 -1.51 -17.74
N LEU B 223 -26.67 -2.78 -18.08
CA LEU B 223 -25.84 -3.90 -17.59
C LEU B 223 -25.04 -4.63 -18.69
N GLU B 224 -23.75 -4.94 -18.44
CA GLU B 224 -22.95 -5.66 -19.44
C GLU B 224 -21.92 -6.54 -18.79
N VAL B 225 -21.64 -7.71 -19.36
CA VAL B 225 -20.59 -8.59 -18.85
C VAL B 225 -19.58 -8.82 -19.98
N ARG B 226 -18.28 -8.76 -19.70
CA ARG B 226 -17.22 -9.03 -20.68
C ARG B 226 -16.20 -9.99 -20.08
N ARG B 227 -15.48 -10.70 -20.94
CA ARG B 227 -14.43 -11.59 -20.50
C ARG B 227 -13.12 -10.80 -20.42
N LYS B 228 -12.32 -11.11 -19.43
CA LYS B 228 -11.01 -10.52 -19.24
C LYS B 228 -10.07 -11.06 -20.33
N THR B 229 -9.17 -10.21 -20.82
CA THR B 229 -8.23 -10.59 -21.87
C THR B 229 -6.89 -11.11 -21.37
N GLY B 230 -6.58 -10.95 -20.09
CA GLY B 230 -5.28 -11.32 -19.52
C GLY B 230 -4.32 -10.15 -19.36
N ASN B 231 -4.79 -8.91 -19.57
CA ASN B 231 -3.97 -7.73 -19.45
C ASN B 231 -4.87 -6.60 -18.95
N ILE B 232 -4.58 -6.02 -17.76
CA ILE B 232 -5.37 -4.98 -17.11
C ILE B 232 -5.60 -3.74 -17.98
N LEU B 233 -4.56 -3.17 -18.59
CA LEU B 233 -4.75 -1.99 -19.45
C LEU B 233 -5.52 -2.34 -20.74
N GLN B 234 -5.38 -3.55 -21.27
CA GLN B 234 -6.16 -3.98 -22.44
C GLN B 234 -7.68 -4.06 -22.04
N ASP B 235 -7.99 -4.57 -20.81
CA ASP B 235 -9.35 -4.67 -20.28
C ASP B 235 -10.00 -3.31 -20.00
N LEU B 236 -9.21 -2.33 -19.49
CA LEU B 236 -9.78 -1.04 -19.11
C LEU B 236 -9.67 0.04 -20.17
N GLN B 237 -8.81 -0.14 -21.19
CA GLN B 237 -8.65 0.77 -22.32
C GLN B 237 -9.96 1.14 -23.01
N PRO B 238 -10.91 0.20 -23.25
CA PRO B 238 -12.18 0.58 -23.90
C PRO B 238 -13.00 1.61 -23.14
N PHE B 239 -12.81 1.74 -21.82
CA PHE B 239 -13.54 2.73 -21.00
C PHE B 239 -12.89 4.11 -20.97
N LEU B 240 -11.75 4.29 -21.66
CA LEU B 240 -11.00 5.54 -21.65
C LEU B 240 -11.14 6.37 -22.93
N VAL B 241 -11.20 7.70 -22.76
CA VAL B 241 -11.26 8.69 -23.84
C VAL B 241 -10.02 9.58 -23.78
N LYS B 242 -9.53 9.99 -24.95
CA LYS B 242 -8.34 10.83 -25.02
C LYS B 242 -8.77 12.25 -25.31
N THR B 243 -8.36 13.23 -24.47
CA THR B 243 -8.78 14.60 -24.72
C THR B 243 -7.59 15.42 -25.27
N SER B 244 -6.55 15.72 -24.46
CA SER B 244 -5.41 16.49 -24.94
C SER B 244 -4.14 15.77 -24.55
N SER B 245 -3.75 14.74 -25.33
CA SER B 245 -2.59 13.86 -25.09
C SER B 245 -2.77 12.93 -23.83
N HIS B 246 -3.73 13.29 -22.95
CA HIS B 246 -4.08 12.59 -21.71
C HIS B 246 -5.27 11.65 -21.88
N TRP B 247 -5.17 10.46 -21.27
CA TRP B 247 -6.25 9.47 -21.23
C TRP B 247 -7.03 9.66 -19.93
N GLU B 248 -8.33 9.44 -19.98
CA GLU B 248 -9.18 9.56 -18.79
C GLU B 248 -10.53 8.84 -18.94
N PHE B 249 -11.22 8.60 -17.82
CA PHE B 249 -12.54 7.97 -17.88
C PHE B 249 -13.60 8.93 -18.44
N GLU B 250 -14.71 8.37 -18.96
CA GLU B 250 -15.80 9.20 -19.47
C GLU B 250 -16.52 9.99 -18.35
N GLY B 251 -16.50 9.46 -17.13
CA GLY B 251 -17.11 10.10 -15.97
C GLY B 251 -16.69 9.46 -14.66
N PRO B 252 -17.26 9.94 -13.54
CA PRO B 252 -16.90 9.35 -12.24
C PRO B 252 -17.12 7.84 -12.21
N THR B 253 -16.11 7.08 -11.77
CA THR B 253 -16.13 5.63 -11.87
C THR B 253 -15.72 4.92 -10.58
N ILE B 254 -16.33 3.76 -10.30
CA ILE B 254 -15.94 2.92 -9.18
C ILE B 254 -15.47 1.60 -9.77
N ILE B 255 -14.29 1.11 -9.37
CA ILE B 255 -13.82 -0.19 -9.80
C ILE B 255 -13.82 -1.09 -8.59
N TYR B 256 -14.61 -2.19 -8.61
CA TYR B 256 -14.66 -3.09 -7.47
C TYR B 256 -13.69 -4.26 -7.67
N CYS B 257 -12.80 -4.50 -6.72
CA CYS B 257 -11.86 -5.62 -6.80
C CYS B 257 -12.14 -6.57 -5.66
N PRO B 258 -11.89 -7.87 -5.85
CA PRO B 258 -12.16 -8.82 -4.76
C PRO B 258 -11.18 -8.78 -3.59
N SER B 259 -9.98 -8.14 -3.82
CA SER B 259 -8.92 -8.09 -2.84
C SER B 259 -8.14 -6.78 -2.87
N ARG B 260 -7.34 -6.54 -1.83
CA ARG B 260 -6.39 -5.43 -1.73
C ARG B 260 -5.24 -5.66 -2.72
N LYS B 261 -4.82 -6.91 -2.88
CA LYS B 261 -3.79 -7.29 -3.82
C LYS B 261 -4.20 -6.93 -5.26
N MET B 262 -5.43 -7.25 -5.64
CA MET B 262 -5.92 -6.89 -6.96
C MET B 262 -6.12 -5.39 -7.08
N THR B 263 -6.54 -4.72 -5.99
CA THR B 263 -6.67 -3.25 -5.97
C THR B 263 -5.28 -2.60 -6.24
N GLN B 264 -4.18 -3.18 -5.69
CA GLN B 264 -2.82 -2.67 -5.90
C GLN B 264 -2.43 -2.74 -7.40
N GLN B 265 -2.62 -3.92 -8.07
CA GLN B 265 -2.30 -4.09 -9.50
C GLN B 265 -3.09 -3.15 -10.37
N VAL B 266 -4.42 -3.07 -10.16
CA VAL B 266 -5.29 -2.22 -10.94
C VAL B 266 -4.89 -0.77 -10.79
N THR B 267 -4.76 -0.30 -9.53
CA THR B 267 -4.38 1.09 -9.26
C THR B 267 -3.00 1.40 -9.85
N GLY B 268 -2.07 0.45 -9.74
CA GLY B 268 -0.73 0.57 -10.28
C GLY B 268 -0.73 0.79 -11.79
N GLU B 269 -1.56 0.03 -12.52
CA GLU B 269 -1.66 0.17 -13.98
C GLU B 269 -2.30 1.49 -14.37
N LEU B 270 -3.38 1.88 -13.67
CA LEU B 270 -4.07 3.13 -13.98
C LEU B 270 -3.20 4.33 -13.72
N ARG B 271 -2.30 4.26 -12.71
CA ARG B 271 -1.41 5.36 -12.41
C ARG B 271 -0.29 5.52 -13.47
N LYS B 272 0.11 4.45 -14.16
CA LYS B 272 1.04 4.57 -15.29
C LYS B 272 0.47 5.47 -16.42
N LEU B 273 -0.85 5.67 -16.45
CA LEU B 273 -1.53 6.50 -17.45
C LEU B 273 -1.78 7.94 -16.92
N ASN B 274 -1.31 8.24 -15.69
CA ASN B 274 -1.49 9.50 -14.98
C ASN B 274 -2.97 9.76 -14.69
N LEU B 275 -3.71 8.70 -14.37
CA LEU B 275 -5.13 8.79 -14.06
C LEU B 275 -5.29 9.10 -12.57
N SER B 276 -6.17 10.03 -12.25
CA SER B 276 -6.39 10.42 -10.86
C SER B 276 -7.32 9.43 -10.17
N CYS B 277 -6.79 8.66 -9.22
CA CYS B 277 -7.60 7.70 -8.51
C CYS B 277 -7.17 7.47 -7.05
N GLY B 278 -8.10 6.91 -6.26
CA GLY B 278 -7.90 6.59 -4.86
C GLY B 278 -8.39 5.19 -4.54
N THR B 279 -8.02 4.67 -3.39
CA THR B 279 -8.41 3.33 -2.96
C THR B 279 -9.37 3.38 -1.78
N TYR B 280 -10.19 2.35 -1.59
CA TYR B 280 -11.18 2.36 -0.53
C TYR B 280 -11.37 0.98 0.02
N HIS B 281 -11.03 0.78 1.28
CA HIS B 281 -11.12 -0.53 1.92
C HIS B 281 -11.81 -0.47 3.30
N ALA B 282 -12.11 -1.64 3.87
CA ALA B 282 -12.63 -1.72 5.23
C ALA B 282 -11.43 -1.45 6.15
N GLY B 283 -11.68 -0.86 7.31
CA GLY B 283 -10.62 -0.57 8.26
C GLY B 283 -9.91 0.75 8.05
N MET B 284 -10.35 1.56 7.10
CA MET B 284 -9.76 2.87 6.89
C MET B 284 -10.26 3.82 7.97
N SER B 285 -9.38 4.68 8.47
CA SER B 285 -9.72 5.63 9.53
C SER B 285 -10.77 6.66 9.06
N PHE B 286 -11.44 7.32 10.02
CA PHE B 286 -12.46 8.32 9.76
C PHE B 286 -11.89 9.48 8.91
N SER B 287 -10.64 9.85 9.19
CA SER B 287 -9.96 10.95 8.48
C SER B 287 -9.64 10.57 7.00
N THR B 288 -9.25 9.30 6.77
CA THR B 288 -8.98 8.78 5.43
C THR B 288 -10.29 8.77 4.58
N ARG B 289 -11.41 8.26 5.15
CA ARG B 289 -12.72 8.25 4.47
C ARG B 289 -13.24 9.64 4.15
N LYS B 290 -12.93 10.65 5.00
CA LYS B 290 -13.37 12.04 4.76
C LYS B 290 -12.58 12.66 3.59
N ASP B 291 -11.27 12.36 3.52
CA ASP B 291 -10.41 12.83 2.43
C ASP B 291 -10.89 12.24 1.10
N ILE B 292 -11.13 10.91 1.04
CA ILE B 292 -11.63 10.28 -0.19
C ILE B 292 -13.02 10.81 -0.58
N HIS B 293 -13.92 11.01 0.40
CA HIS B 293 -15.23 11.61 0.10
C HIS B 293 -15.10 12.97 -0.61
N HIS B 294 -14.41 13.94 -0.01
CA HIS B 294 -14.25 15.28 -0.59
C HIS B 294 -13.54 15.25 -1.94
N ARG B 295 -12.50 14.42 -2.09
CA ARG B 295 -11.77 14.34 -3.35
C ARG B 295 -12.62 13.74 -4.48
N PHE B 296 -13.40 12.68 -4.21
CA PHE B 296 -14.24 12.06 -5.23
C PHE B 296 -15.46 12.96 -5.53
N VAL B 297 -16.16 13.41 -4.47
CA VAL B 297 -17.33 14.28 -4.61
C VAL B 297 -16.98 15.59 -5.32
N ARG B 298 -15.82 16.19 -5.00
CA ARG B 298 -15.41 17.43 -5.68
C ARG B 298 -14.71 17.21 -7.03
N ASP B 299 -14.76 15.98 -7.57
CA ASP B 299 -14.20 15.56 -8.84
C ASP B 299 -12.69 15.75 -8.98
N GLU B 300 -11.97 15.80 -7.84
CA GLU B 300 -10.50 15.85 -7.82
C GLU B 300 -9.96 14.48 -8.21
N ILE B 301 -10.64 13.40 -7.83
CA ILE B 301 -10.32 12.05 -8.27
C ILE B 301 -11.45 11.56 -9.15
N GLN B 302 -11.08 10.92 -10.25
CA GLN B 302 -12.07 10.42 -11.20
C GLN B 302 -12.51 9.00 -10.93
N CYS B 303 -11.67 8.20 -10.24
CA CYS B 303 -11.95 6.80 -10.05
C CYS B 303 -11.59 6.35 -8.65
N VAL B 304 -12.43 5.49 -8.05
CA VAL B 304 -12.16 4.90 -6.74
C VAL B 304 -12.08 3.38 -6.92
N ILE B 305 -10.97 2.75 -6.51
CA ILE B 305 -10.80 1.31 -6.63
C ILE B 305 -11.10 0.77 -5.23
N ALA B 306 -12.29 0.20 -5.09
CA ALA B 306 -12.80 -0.21 -3.79
C ALA B 306 -12.98 -1.69 -3.59
N THR B 307 -12.84 -2.15 -2.34
CA THR B 307 -13.13 -3.54 -2.00
C THR B 307 -14.43 -3.67 -1.16
N ILE B 308 -15.16 -2.56 -0.94
CA ILE B 308 -16.39 -2.47 -0.14
C ILE B 308 -17.39 -1.56 -0.82
N ALA B 309 -18.69 -1.80 -0.56
CA ALA B 309 -19.75 -0.99 -1.17
C ALA B 309 -20.49 -0.06 -0.21
N PHE B 310 -19.88 0.33 0.90
CA PHE B 310 -20.52 1.24 1.85
C PHE B 310 -19.58 2.34 2.34
N GLY B 311 -20.16 3.44 2.81
CA GLY B 311 -19.37 4.51 3.39
C GLY B 311 -19.35 5.80 2.61
N MET B 312 -18.97 6.89 3.28
CA MET B 312 -18.89 8.23 2.71
C MET B 312 -17.84 8.39 1.61
N GLY B 313 -16.85 7.51 1.56
CA GLY B 313 -15.83 7.58 0.53
C GLY B 313 -16.38 7.49 -0.88
N ILE B 314 -17.45 6.69 -1.04
CA ILE B 314 -18.10 6.51 -2.34
C ILE B 314 -19.54 7.02 -2.38
N ASN B 315 -19.93 7.87 -1.44
CA ASN B 315 -21.28 8.41 -1.40
C ASN B 315 -21.30 9.58 -2.33
N LYS B 316 -21.45 9.32 -3.62
CA LYS B 316 -21.46 10.35 -4.63
C LYS B 316 -22.72 10.15 -5.47
N ALA B 317 -23.38 11.25 -5.80
CA ALA B 317 -24.64 11.20 -6.55
C ALA B 317 -24.48 10.92 -8.05
N ASP B 318 -23.41 11.43 -8.66
CA ASP B 318 -23.23 11.29 -10.10
C ASP B 318 -22.20 10.22 -10.53
N ILE B 319 -22.31 8.99 -10.00
CA ILE B 319 -21.42 7.92 -10.45
C ILE B 319 -21.95 7.38 -11.78
N ARG B 320 -21.20 7.62 -12.86
CA ARG B 320 -21.61 7.22 -14.20
C ARG B 320 -21.20 5.80 -14.58
N GLN B 321 -20.18 5.23 -13.92
CA GLN B 321 -19.73 3.90 -14.31
C GLN B 321 -19.29 3.05 -13.13
N VAL B 322 -19.69 1.80 -13.16
CA VAL B 322 -19.25 0.83 -12.17
C VAL B 322 -18.57 -0.30 -12.98
N ILE B 323 -17.36 -0.70 -12.57
CA ILE B 323 -16.68 -1.80 -13.22
C ILE B 323 -16.37 -2.82 -12.16
N HIS B 324 -16.74 -4.07 -12.35
CA HIS B 324 -16.38 -5.13 -11.41
C HIS B 324 -15.17 -5.78 -12.03
N TYR B 325 -13.95 -5.48 -11.54
CA TYR B 325 -12.75 -6.09 -12.09
C TYR B 325 -12.58 -7.42 -11.41
N GLY B 326 -13.27 -8.42 -11.94
CA GLY B 326 -13.30 -9.75 -11.37
C GLY B 326 -14.74 -10.16 -11.05
N ALA B 327 -15.02 -11.45 -11.09
CA ALA B 327 -16.37 -11.96 -10.82
C ALA B 327 -16.87 -11.56 -9.43
N PRO B 328 -18.12 -11.06 -9.32
CA PRO B 328 -18.66 -10.69 -8.01
C PRO B 328 -18.77 -11.86 -7.04
N LYS B 329 -18.85 -11.60 -5.73
CA LYS B 329 -18.91 -12.68 -4.73
C LYS B 329 -20.20 -13.52 -4.87
N ASP B 330 -21.33 -12.83 -5.00
CA ASP B 330 -22.67 -13.41 -5.13
C ASP B 330 -23.60 -12.31 -5.61
N MET B 331 -24.85 -12.69 -5.96
CA MET B 331 -25.87 -11.78 -6.49
C MET B 331 -26.22 -10.67 -5.52
N GLU B 332 -26.25 -10.98 -4.22
CA GLU B 332 -26.60 -9.96 -3.20
C GLU B 332 -25.56 -8.85 -3.14
N SER B 333 -24.26 -9.23 -3.06
CA SER B 333 -23.14 -8.28 -3.04
C SER B 333 -23.13 -7.50 -4.35
N TYR B 334 -23.27 -8.21 -5.49
CA TYR B 334 -23.34 -7.63 -6.83
C TYR B 334 -24.40 -6.53 -6.93
N TYR B 335 -25.62 -6.82 -6.46
CA TYR B 335 -26.74 -5.90 -6.45
C TYR B 335 -26.46 -4.62 -5.63
N GLN B 336 -25.88 -4.80 -4.43
CA GLN B 336 -25.53 -3.67 -3.56
C GLN B 336 -24.42 -2.84 -4.20
N GLU B 337 -23.40 -3.50 -4.78
CA GLU B 337 -22.26 -2.84 -5.41
C GLU B 337 -22.65 -2.04 -6.63
N ILE B 338 -23.40 -2.64 -7.60
CA ILE B 338 -23.84 -1.86 -8.75
C ILE B 338 -24.79 -0.71 -8.34
N GLY B 339 -25.54 -0.89 -7.24
CA GLY B 339 -26.47 0.10 -6.72
C GLY B 339 -25.90 1.44 -6.33
N ARG B 340 -24.56 1.51 -6.19
CA ARG B 340 -23.90 2.78 -5.86
C ARG B 340 -23.89 3.77 -7.05
N ALA B 341 -24.02 3.25 -8.29
CA ALA B 341 -24.05 4.10 -9.47
C ALA B 341 -25.41 4.78 -9.66
N GLY B 342 -25.40 5.91 -10.35
CA GLY B 342 -26.58 6.66 -10.77
C GLY B 342 -27.60 6.95 -9.71
N ARG B 343 -27.14 7.37 -8.53
CA ARG B 343 -28.05 7.77 -7.46
C ARG B 343 -28.73 9.12 -7.73
N ASP B 344 -28.27 9.87 -8.73
CA ASP B 344 -28.91 11.12 -9.14
C ASP B 344 -30.09 10.87 -10.13
N GLY B 345 -30.39 9.60 -10.45
CA GLY B 345 -31.45 9.23 -11.38
C GLY B 345 -31.06 9.23 -12.85
N LEU B 346 -29.86 9.76 -13.17
CA LEU B 346 -29.40 9.81 -14.56
C LEU B 346 -28.81 8.47 -15.06
N GLN B 347 -28.63 8.35 -16.38
CA GLN B 347 -28.12 7.13 -17.01
C GLN B 347 -26.67 6.78 -16.58
N SER B 348 -26.45 5.51 -16.19
CA SER B 348 -25.15 4.97 -15.78
C SER B 348 -24.94 3.54 -16.35
N SER B 349 -23.68 3.06 -16.37
CA SER B 349 -23.38 1.73 -16.86
C SER B 349 -22.70 0.89 -15.81
N CYS B 350 -22.93 -0.41 -15.84
CA CYS B 350 -22.31 -1.32 -14.90
C CYS B 350 -21.76 -2.49 -15.67
N HIS B 351 -20.42 -2.64 -15.74
CA HIS B 351 -19.79 -3.72 -16.48
C HIS B 351 -19.07 -4.69 -15.58
N VAL B 352 -19.11 -5.98 -15.86
CA VAL B 352 -18.35 -6.98 -15.12
C VAL B 352 -17.25 -7.50 -16.06
N LEU B 353 -15.98 -7.47 -15.66
CA LEU B 353 -14.92 -8.08 -16.47
C LEU B 353 -14.53 -9.29 -15.65
N TRP B 354 -14.64 -10.49 -16.21
CA TRP B 354 -14.40 -11.70 -15.43
C TRP B 354 -13.64 -12.78 -16.22
N ALA B 355 -13.16 -13.80 -15.54
CA ALA B 355 -12.48 -14.97 -16.12
C ALA B 355 -12.82 -16.17 -15.24
N PRO B 356 -13.00 -17.37 -15.82
CA PRO B 356 -13.36 -18.54 -15.00
C PRO B 356 -12.45 -18.79 -13.80
N ALA B 357 -11.19 -18.35 -13.90
CA ALA B 357 -10.19 -18.52 -12.84
C ALA B 357 -10.29 -17.49 -11.69
N ASP B 358 -11.31 -16.62 -11.70
CA ASP B 358 -11.45 -15.62 -10.65
C ASP B 358 -11.71 -16.26 -9.29
N ILE B 359 -11.22 -15.61 -8.20
CA ILE B 359 -11.31 -16.14 -6.85
C ILE B 359 -12.74 -16.30 -6.35
N ASN B 360 -13.68 -15.44 -6.78
CA ASN B 360 -15.06 -15.57 -6.33
C ASN B 360 -15.85 -16.72 -7.03
N LEU B 361 -15.18 -17.44 -7.95
CA LEU B 361 -15.66 -18.63 -8.66
C LEU B 361 -14.77 -19.85 -8.36
N ASN B 362 -13.86 -19.76 -7.39
CA ASN B 362 -12.95 -20.84 -7.05
C ASN B 362 -13.56 -21.75 -6.00
N ARG B 363 -14.12 -22.88 -6.45
CA ARG B 363 -14.76 -23.89 -5.60
C ARG B 363 -13.74 -24.55 -4.67
N HIS B 364 -12.47 -24.69 -5.11
CA HIS B 364 -11.39 -25.31 -4.33
C HIS B 364 -11.15 -24.62 -2.99
N LEU B 365 -11.39 -23.31 -2.92
CA LEU B 365 -11.23 -22.58 -1.66
C LEU B 365 -12.35 -22.97 -0.67
N LEU B 366 -13.57 -23.19 -1.18
CA LEU B 366 -14.73 -23.61 -0.40
C LEU B 366 -14.57 -25.05 0.13
N THR B 367 -13.85 -25.91 -0.64
CA THR B 367 -13.59 -27.31 -0.33
C THR B 367 -12.69 -27.44 0.93
N GLU B 368 -11.78 -26.48 1.13
CA GLU B 368 -10.85 -26.41 2.24
C GLU B 368 -11.55 -26.12 3.59
N ILE B 369 -12.65 -25.34 3.56
CA ILE B 369 -13.40 -24.95 4.76
C ILE B 369 -14.09 -26.13 5.44
N ASN B 371 -16.47 -27.13 8.23
CA ASN B 371 -17.89 -26.88 8.00
C ASN B 371 -18.44 -27.65 6.78
N GLU B 372 -19.76 -27.87 6.74
CA GLU B 372 -20.41 -28.58 5.64
C GLU B 372 -21.88 -28.12 5.42
N LYS B 373 -22.50 -27.49 6.44
CA LYS B 373 -23.87 -27.02 6.31
C LYS B 373 -23.94 -25.78 5.42
N PHE B 374 -22.97 -24.88 5.58
CA PHE B 374 -22.91 -23.63 4.82
C PHE B 374 -22.28 -23.82 3.43
N ARG B 375 -21.36 -24.79 3.29
CA ARG B 375 -20.64 -25.08 2.06
C ARG B 375 -21.58 -25.34 0.89
N LEU B 376 -22.63 -26.13 1.14
CA LEU B 376 -23.63 -26.49 0.13
C LEU B 376 -24.27 -25.25 -0.47
N TYR B 377 -24.62 -24.27 0.39
CA TYR B 377 -25.25 -23.05 -0.08
C TYR B 377 -24.28 -22.17 -0.85
N LYS B 378 -23.04 -22.03 -0.36
CA LYS B 378 -22.05 -21.22 -1.06
C LYS B 378 -21.69 -21.83 -2.42
N LEU B 379 -21.69 -23.16 -2.53
CA LEU B 379 -21.44 -23.81 -3.80
C LEU B 379 -22.52 -23.49 -4.85
N LYS B 380 -23.74 -23.12 -4.39
CA LYS B 380 -24.87 -22.75 -5.22
C LYS B 380 -24.80 -21.29 -5.59
N MET B 381 -24.59 -20.37 -4.61
CA MET B 381 -24.45 -18.92 -4.86
C MET B 381 -23.39 -18.63 -5.92
N MET B 382 -22.33 -19.45 -5.96
CA MET B 382 -21.23 -19.37 -6.89
C MET B 382 -21.71 -19.80 -8.28
N ALA B 383 -22.43 -20.93 -8.36
CA ALA B 383 -22.93 -21.43 -9.65
C ALA B 383 -24.03 -20.55 -10.23
N LYS B 384 -24.82 -19.89 -9.38
CA LYS B 384 -25.84 -18.94 -9.81
C LYS B 384 -25.14 -17.74 -10.47
N MET B 385 -24.06 -17.26 -9.83
CA MET B 385 -23.26 -16.15 -10.33
C MET B 385 -22.60 -16.52 -11.65
N GLU B 386 -22.01 -17.73 -11.74
CA GLU B 386 -21.36 -18.18 -12.98
C GLU B 386 -22.38 -18.34 -14.13
N LYS B 387 -23.60 -18.74 -13.80
CA LYS B 387 -24.67 -18.91 -14.78
C LYS B 387 -25.04 -17.54 -15.34
N TYR B 388 -25.17 -16.53 -14.47
CA TYR B 388 -25.49 -15.16 -14.85
C TYR B 388 -24.40 -14.58 -15.81
N LEU B 389 -23.12 -14.82 -15.50
CA LEU B 389 -22.03 -14.28 -16.28
C LEU B 389 -21.96 -14.89 -17.69
N HIS B 390 -22.17 -16.22 -17.80
CA HIS B 390 -22.17 -16.96 -19.09
C HIS B 390 -23.42 -16.78 -19.95
N SER B 391 -24.52 -16.44 -19.34
CA SER B 391 -25.85 -16.32 -19.91
C SER B 391 -25.98 -15.43 -21.12
N SER B 392 -26.87 -15.86 -22.05
CA SER B 392 -27.32 -15.13 -23.24
C SER B 392 -28.64 -14.40 -23.02
N ARG B 393 -29.29 -14.59 -21.84
N ARG B 393 -29.31 -14.59 -21.86
CA ARG B 393 -30.58 -13.99 -21.46
CA ARG B 393 -30.58 -13.93 -21.62
C ARG B 393 -30.38 -12.58 -20.88
C ARG B 393 -30.41 -12.61 -20.86
N CYS B 394 -31.47 -11.78 -20.84
CA CYS B 394 -31.50 -10.44 -20.26
C CYS B 394 -30.90 -10.42 -18.85
N ARG B 395 -29.90 -9.55 -18.62
CA ARG B 395 -29.22 -9.46 -17.33
C ARG B 395 -30.20 -8.99 -16.26
N ARG B 396 -30.99 -7.96 -16.60
CA ARG B 396 -32.02 -7.35 -15.76
C ARG B 396 -33.09 -8.36 -15.35
N GLN B 397 -33.47 -9.26 -16.26
CA GLN B 397 -34.44 -10.29 -15.96
C GLN B 397 -33.87 -11.25 -14.97
N ILE B 398 -32.62 -11.70 -15.18
CA ILE B 398 -31.98 -12.67 -14.27
C ILE B 398 -31.86 -12.12 -12.85
N ILE B 399 -31.53 -10.83 -12.72
CA ILE B 399 -31.38 -10.20 -11.41
C ILE B 399 -32.71 -10.13 -10.68
N LEU B 400 -33.74 -9.54 -11.32
CA LEU B 400 -35.07 -9.42 -10.76
C LEU B 400 -35.72 -10.77 -10.45
N SER B 401 -35.43 -11.81 -11.25
CA SER B 401 -35.97 -13.15 -10.98
C SER B 401 -35.27 -13.83 -9.82
N HIS B 402 -33.98 -13.53 -9.60
CA HIS B 402 -33.23 -14.08 -8.47
C HIS B 402 -33.85 -13.56 -7.16
N PHE B 403 -34.20 -12.29 -7.13
CA PHE B 403 -34.80 -11.67 -5.97
C PHE B 403 -36.32 -11.84 -5.88
N GLU B 404 -36.94 -12.61 -6.82
CA GLU B 404 -38.37 -12.87 -6.94
C GLU B 404 -39.15 -11.56 -6.86
N ASP B 405 -38.72 -10.55 -7.62
CA ASP B 405 -39.36 -9.24 -7.59
C ASP B 405 -40.75 -9.33 -8.17
N LYS B 406 -41.75 -8.93 -7.38
CA LYS B 406 -43.14 -8.95 -7.84
C LYS B 406 -43.67 -7.57 -8.24
N GLN B 407 -42.94 -6.49 -7.92
N GLN B 407 -42.96 -6.49 -7.90
CA GLN B 407 -43.38 -5.13 -8.23
CA GLN B 407 -43.41 -5.14 -8.25
C GLN B 407 -42.73 -4.57 -9.52
C GLN B 407 -42.72 -4.58 -9.51
N VAL B 408 -42.42 -5.45 -10.49
CA VAL B 408 -41.78 -5.02 -11.76
C VAL B 408 -42.77 -4.16 -12.53
N GLN B 409 -42.50 -2.87 -12.64
CA GLN B 409 -43.41 -1.90 -13.24
C GLN B 409 -43.24 -1.75 -14.76
N LYS B 410 -44.19 -1.04 -15.41
CA LYS B 410 -44.21 -0.72 -16.83
C LYS B 410 -42.88 -0.09 -17.28
N ALA B 411 -42.25 0.73 -16.40
CA ALA B 411 -40.98 1.41 -16.66
C ALA B 411 -39.85 0.41 -16.95
N SER B 412 -39.72 -0.63 -16.12
CA SER B 412 -38.72 -1.67 -16.29
C SER B 412 -39.02 -2.49 -17.54
N LEU B 413 -40.29 -2.91 -17.75
CA LEU B 413 -40.72 -3.70 -18.91
C LEU B 413 -40.49 -2.98 -20.23
N GLY B 414 -40.69 -1.67 -20.23
CA GLY B 414 -40.44 -0.82 -21.39
C GLY B 414 -38.97 -0.66 -21.74
N ILE B 415 -38.07 -0.93 -20.78
CA ILE B 415 -36.62 -0.88 -20.99
C ILE B 415 -36.14 -2.28 -21.42
N MET B 416 -36.67 -3.36 -20.80
CA MET B 416 -36.28 -4.72 -21.19
C MET B 416 -36.66 -5.03 -22.64
N GLY B 417 -35.78 -5.73 -23.35
CA GLY B 417 -35.97 -6.00 -24.76
C GLY B 417 -35.46 -4.90 -25.68
N THR B 418 -34.98 -3.78 -25.11
CA THR B 418 -34.44 -2.65 -25.89
C THR B 418 -32.92 -2.48 -25.68
N GLU B 419 -32.26 -1.63 -26.50
CA GLU B 419 -30.83 -1.38 -26.35
C GLU B 419 -30.49 -0.68 -25.00
N LYS B 420 -31.44 0.02 -24.40
CA LYS B 420 -31.30 0.72 -23.13
C LYS B 420 -31.13 -0.23 -21.92
N CYS B 421 -31.52 -1.49 -22.07
CA CYS B 421 -31.51 -2.43 -20.97
C CYS B 421 -30.12 -3.03 -20.66
N CYS B 422 -29.64 -3.95 -21.51
CA CYS B 422 -28.43 -4.69 -21.24
C CYS B 422 -27.73 -5.16 -22.52
N ASP B 423 -26.56 -5.79 -22.40
CA ASP B 423 -25.82 -6.27 -23.57
C ASP B 423 -26.57 -7.38 -24.32
N ASN B 424 -27.33 -8.20 -23.59
CA ASN B 424 -28.07 -9.30 -24.20
C ASN B 424 -29.38 -8.80 -24.89
N CYS B 425 -29.90 -7.64 -24.50
CA CYS B 425 -31.03 -7.01 -25.17
C CYS B 425 -30.64 -6.21 -26.41
N ARG B 426 -29.36 -5.83 -26.53
N ARG B 426 -29.36 -5.83 -26.54
CA ARG B 426 -28.84 -5.07 -27.65
CA ARG B 426 -28.82 -5.06 -27.65
C ARG B 426 -28.67 -5.98 -28.87
C ARG B 426 -28.52 -5.93 -28.87
N SER B 427 -28.20 -7.22 -28.65
CA SER B 427 -27.90 -8.19 -29.73
C SER B 427 -28.95 -8.25 -30.83
#